data_3FMT
#
_entry.id   3FMT
#
_cell.length_a   121.839
_cell.length_b   121.839
_cell.length_c   279.133
_cell.angle_alpha   90.00
_cell.angle_beta   90.00
_cell.angle_gamma   120.00
#
_symmetry.space_group_name_H-M   'H 3'
#
loop_
_entity.id
_entity.type
_entity.pdbx_description
1 polymer 'Protein seqA'
2 polymer "5'-D(*GP*AP*GP*TP*CP*GP*(6MA)P*TP*CP*GP*GP*CP*GP*GP*GP*(6MA)P*TP*CP*CP*TP*TP*A)-3'"
3 polymer "5'-D(*TP*CP*TP*AP*AP*GP*GP*AP*TP*CP*CP*CP*GP*CP*CP*GP*AP*TP*CP*GP*AP*C)-3'"
4 non-polymer (4S)-2-METHYL-2,4-PENTANEDIOL
5 water water
#
loop_
_entity_poly.entity_id
_entity_poly.type
_entity_poly.pdbx_seq_one_letter_code
_entity_poly.pdbx_strand_id
1 'polypeptide(L)'
;MKTIEVDDELYSYIASHTKHIGESRSDILRRMLKFSAASQKPVKTIKDKVRAMRELLLSDEYAEQKRAVNRFMLLLSTLY
SLDAQAFAEATESLHGRTRVYFAADEQTLLKNGNQTKPKHVPGTPYWVITNTNTGRKCSMIEHIMQSMQFPAELIEKVCG
TI
;
A,B,E,F
2 'polydeoxyribonucleotide'
;(DG)(DA)(DG)(DT)(DC)(DG)(6MA)(DT)(DC)(DG)(DG)(DC)(DG)(DG)(DG)(6MA)(DT)(DC)(DC)
(DT)(DT)(DA)
;
C,G
3 'polydeoxyribonucleotide'
;(DT)(DC)(DT)(DA)(DA)(DG)(DG)(DA)(DT)(DC)(DC)(DC)(DG)(DC)(DC)(DG)(DA)(DT)(DC)(DG)
(DA)(DC)
;
D,H
#
# COMPACT_ATOMS: atom_id res chain seq x y z
N MET A 1 37.88 13.53 -26.84
CA MET A 1 38.19 12.63 -25.74
C MET A 1 37.85 13.26 -24.40
N LYS A 2 36.68 12.96 -23.88
CA LYS A 2 36.22 13.53 -22.62
C LYS A 2 36.26 12.51 -21.48
N THR A 3 36.26 13.02 -20.26
CA THR A 3 36.43 12.17 -19.08
C THR A 3 35.15 12.03 -18.27
N ILE A 4 34.86 10.80 -17.86
CA ILE A 4 33.68 10.51 -17.05
C ILE A 4 34.03 9.64 -15.84
N GLU A 5 33.24 9.76 -14.78
CA GLU A 5 33.46 8.99 -13.56
C GLU A 5 32.67 7.68 -13.58
N VAL A 6 33.23 6.65 -12.97
CA VAL A 6 32.54 5.37 -12.81
C VAL A 6 32.85 4.74 -11.47
N ASP A 7 31.82 4.36 -10.73
CA ASP A 7 32.01 3.71 -9.44
C ASP A 7 33.00 2.55 -9.57
N ASP A 8 33.83 2.36 -8.56
CA ASP A 8 34.90 1.38 -8.60
C ASP A 8 34.43 0.00 -9.05
N GLU A 9 33.20 -0.35 -8.68
CA GLU A 9 32.64 -1.66 -9.01
C GLU A 9 32.44 -1.83 -10.51
N LEU A 10 31.85 -0.81 -11.13
CA LEU A 10 31.61 -0.83 -12.56
C LEU A 10 32.92 -0.83 -13.33
N TYR A 11 33.88 -0.06 -12.84
CA TYR A 11 35.20 0.02 -13.46
C TYR A 11 35.80 -1.38 -13.63
N SER A 12 35.58 -2.22 -12.62
CA SER A 12 36.06 -3.60 -12.66
C SER A 12 35.25 -4.43 -13.64
N TYR A 13 33.99 -4.04 -13.84
CA TYR A 13 33.09 -4.76 -14.73
C TYR A 13 33.43 -4.49 -16.20
N ILE A 14 33.73 -3.23 -16.51
CA ILE A 14 34.06 -2.85 -17.88
C ILE A 14 35.42 -3.38 -18.28
N ALA A 15 36.35 -3.37 -17.32
CA ALA A 15 37.70 -3.86 -17.55
C ALA A 15 37.70 -5.34 -17.95
N SER A 16 36.92 -6.13 -17.22
CA SER A 16 36.87 -7.58 -17.43
C SER A 16 36.38 -7.96 -18.82
N HIS A 17 35.84 -7.01 -19.57
CA HIS A 17 35.34 -7.29 -20.91
C HIS A 17 36.35 -6.93 -22.00
N THR A 18 37.62 -6.81 -21.60
CA THR A 18 38.70 -6.59 -22.55
C THR A 18 38.88 -7.85 -23.39
N LYS A 19 38.98 -7.68 -24.70
CA LYS A 19 39.14 -8.84 -25.57
C LYS A 19 40.48 -8.82 -26.30
N HIS A 20 41.27 -7.80 -26.03
CA HIS A 20 42.68 -7.76 -26.45
C HIS A 20 43.42 -6.63 -25.72
N ILE A 21 44.65 -6.90 -25.30
CA ILE A 21 45.39 -5.99 -24.45
C ILE A 21 45.71 -4.65 -25.10
N GLY A 22 45.38 -3.57 -24.41
CA GLY A 22 45.65 -2.23 -24.90
C GLY A 22 44.45 -1.47 -25.45
N GLU A 23 43.36 -2.16 -25.79
CA GLU A 23 42.22 -1.48 -26.38
C GLU A 23 41.55 -0.52 -25.40
N SER A 24 41.12 0.63 -25.91
CA SER A 24 40.56 1.70 -25.10
C SER A 24 39.26 1.28 -24.42
N ARG A 25 38.97 1.89 -23.28
CA ARG A 25 37.69 1.68 -22.64
C ARG A 25 36.56 2.13 -23.56
N SER A 26 36.87 3.05 -24.47
CA SER A 26 35.89 3.45 -25.48
C SER A 26 35.45 2.26 -26.31
N ASP A 27 36.39 1.61 -26.99
CA ASP A 27 36.06 0.45 -27.81
C ASP A 27 35.24 -0.56 -27.03
N ILE A 28 35.68 -0.85 -25.81
CA ILE A 28 34.98 -1.82 -24.97
C ILE A 28 33.53 -1.44 -24.76
N LEU A 29 33.30 -0.23 -24.26
CA LEU A 29 31.93 0.23 -24.07
C LEU A 29 31.12 0.14 -25.35
N ARG A 30 31.64 0.72 -26.43
CA ARG A 30 30.98 0.66 -27.73
C ARG A 30 30.52 -0.76 -28.04
N ARG A 31 31.34 -1.73 -27.64
CA ARG A 31 30.96 -3.13 -27.83
C ARG A 31 29.73 -3.42 -26.98
N MET A 32 29.86 -3.22 -25.68
CA MET A 32 28.74 -3.48 -24.77
C MET A 32 27.48 -2.70 -25.16
N LEU A 33 27.59 -1.38 -25.20
CA LEU A 33 26.45 -0.51 -25.48
C LEU A 33 25.67 -0.90 -26.73
N LYS A 34 26.37 -1.37 -27.76
CA LYS A 34 25.71 -1.75 -29.00
C LYS A 34 25.24 -3.20 -28.97
N PHE A 35 26.05 -4.07 -28.36
CA PHE A 35 25.76 -5.49 -28.39
C PHE A 35 24.87 -5.95 -27.22
N SER A 36 24.72 -5.09 -26.22
CA SER A 36 23.83 -5.37 -25.10
C SER A 36 22.44 -4.84 -25.42
N ALA A 37 22.33 -4.13 -26.54
CA ALA A 37 21.05 -3.70 -27.06
C ALA A 37 20.35 -4.89 -27.71
N ALA A 38 21.06 -6.01 -27.79
CA ALA A 38 20.53 -7.22 -28.41
C ALA A 38 19.89 -8.15 -27.38
N SER A 39 20.21 -7.94 -26.10
CA SER A 39 19.59 -8.69 -25.01
C SER A 39 18.15 -8.23 -24.82
N GLN A 40 17.83 -7.08 -25.41
CA GLN A 40 16.48 -6.52 -25.33
C GLN A 40 15.58 -7.14 -26.39
N LYS A 41 14.27 -7.12 -26.13
CA LYS A 41 13.31 -7.77 -27.01
C LYS A 41 13.24 -7.12 -28.39
N PRO A 42 12.73 -7.86 -29.39
CA PRO A 42 12.61 -7.36 -30.77
C PRO A 42 11.52 -6.30 -30.89
N VAL A 43 11.60 -5.50 -31.95
CA VAL A 43 10.63 -4.44 -32.19
C VAL A 43 10.37 -4.26 -33.68
N LYS A 44 10.83 -5.22 -34.47
CA LYS A 44 10.75 -5.09 -35.93
C LYS A 44 9.32 -5.25 -36.47
N THR A 45 8.64 -6.31 -36.05
CA THR A 45 7.28 -6.56 -36.52
C THR A 45 6.25 -5.78 -35.71
N ILE A 46 5.12 -5.48 -36.33
CA ILE A 46 4.05 -4.77 -35.64
C ILE A 46 3.65 -5.48 -34.35
N LYS A 47 3.54 -6.80 -34.41
CA LYS A 47 3.18 -7.59 -33.24
C LYS A 47 4.16 -7.32 -32.10
N ASP A 48 5.43 -7.16 -32.45
CA ASP A 48 6.47 -6.89 -31.46
C ASP A 48 6.38 -5.48 -30.90
N LYS A 49 5.95 -4.54 -31.74
CA LYS A 49 5.74 -3.17 -31.30
C LYS A 49 4.53 -3.05 -30.39
N VAL A 50 3.43 -3.68 -30.79
CA VAL A 50 2.24 -3.73 -29.95
C VAL A 50 2.61 -4.30 -28.58
N ARG A 51 3.30 -5.44 -28.58
CA ARG A 51 3.71 -6.06 -27.32
C ARG A 51 4.60 -5.10 -26.53
N ALA A 52 5.33 -4.27 -27.24
CA ALA A 52 6.26 -3.32 -26.62
C ALA A 52 5.52 -2.14 -25.98
N MET A 53 4.59 -1.55 -26.73
CA MET A 53 3.78 -0.45 -26.21
C MET A 53 2.89 -0.95 -25.07
N ARG A 54 2.50 -2.22 -25.15
CA ARG A 54 1.68 -2.82 -24.10
C ARG A 54 2.45 -2.87 -22.79
N GLU A 55 3.71 -3.30 -22.87
CA GLU A 55 4.56 -3.41 -21.68
C GLU A 55 4.77 -2.07 -21.00
N LEU A 56 4.88 -1.01 -21.81
CA LEU A 56 5.09 0.32 -21.28
C LEU A 56 3.91 0.71 -20.39
N LEU A 57 2.70 0.62 -20.96
CA LEU A 57 1.48 0.93 -20.21
C LEU A 57 1.38 0.10 -18.93
N LEU A 58 1.76 -1.17 -19.00
CA LEU A 58 1.67 -2.06 -17.85
C LEU A 58 2.86 -1.92 -16.90
N SER A 59 3.83 -1.10 -17.30
CA SER A 59 5.09 -0.98 -16.56
C SER A 59 4.93 -0.19 -15.27
N ASP A 60 5.81 -0.47 -14.31
CA ASP A 60 5.84 0.31 -13.08
C ASP A 60 6.18 1.76 -13.37
N GLU A 61 7.20 1.97 -14.21
CA GLU A 61 7.67 3.32 -14.49
C GLU A 61 6.57 4.22 -15.02
N TYR A 62 5.93 3.78 -16.11
CA TYR A 62 4.87 4.57 -16.72
C TYR A 62 3.77 4.88 -15.72
N ALA A 63 3.65 4.01 -14.72
CA ALA A 63 2.62 4.17 -13.69
C ALA A 63 3.02 5.22 -12.66
N GLU A 64 4.31 5.34 -12.40
CA GLU A 64 4.80 6.28 -11.41
C GLU A 64 4.55 7.73 -11.84
N GLN A 65 4.63 7.98 -13.13
CA GLN A 65 4.45 9.33 -13.67
C GLN A 65 3.14 9.95 -13.21
N LYS A 66 3.20 11.19 -12.76
CA LYS A 66 2.01 11.89 -12.30
C LYS A 66 1.59 13.01 -13.26
N ARG A 67 2.52 13.46 -14.09
CA ARG A 67 2.22 14.50 -15.07
C ARG A 67 1.94 13.89 -16.44
N ALA A 68 1.24 14.64 -17.28
CA ALA A 68 0.97 14.21 -18.65
C ALA A 68 2.24 14.31 -19.49
N VAL A 69 2.94 15.42 -19.34
CA VAL A 69 4.19 15.64 -20.04
C VAL A 69 5.16 14.49 -19.77
N ASN A 70 5.15 13.96 -18.55
CA ASN A 70 6.05 12.87 -18.22
C ASN A 70 5.68 11.58 -18.94
N ARG A 71 4.39 11.25 -18.95
CA ARG A 71 3.93 10.12 -19.74
C ARG A 71 4.22 10.37 -21.21
N PHE A 72 3.99 11.61 -21.63
CA PHE A 72 4.27 12.04 -23.00
C PHE A 72 5.71 11.68 -23.38
N MET A 73 6.64 12.02 -22.50
CA MET A 73 8.05 11.79 -22.75
C MET A 73 8.37 10.30 -22.86
N LEU A 74 7.87 9.51 -21.91
CA LEU A 74 8.13 8.07 -21.95
C LEU A 74 7.64 7.46 -23.25
N LEU A 75 6.59 8.05 -23.83
CA LEU A 75 6.01 7.52 -25.06
C LEU A 75 6.94 7.81 -26.23
N LEU A 76 7.29 9.07 -26.43
CA LEU A 76 8.27 9.45 -27.44
C LEU A 76 9.55 8.64 -27.24
N SER A 77 10.05 8.63 -26.02
CA SER A 77 11.26 7.90 -25.69
C SER A 77 11.17 6.45 -26.15
N THR A 78 10.02 5.82 -25.93
CA THR A 78 9.84 4.42 -26.31
C THR A 78 9.60 4.25 -27.80
N LEU A 79 8.77 5.12 -28.37
CA LEU A 79 8.44 5.04 -29.79
C LEU A 79 9.69 5.13 -30.65
N TYR A 80 10.63 5.98 -30.25
CA TYR A 80 11.88 6.11 -30.98
C TYR A 80 12.65 4.80 -31.02
N SER A 81 12.69 4.10 -29.89
CA SER A 81 13.49 2.89 -29.79
C SER A 81 12.87 1.71 -30.53
N LEU A 82 11.65 1.89 -31.03
CA LEU A 82 10.99 0.83 -31.78
C LEU A 82 11.46 0.83 -33.23
N ASP A 83 11.74 2.02 -33.75
CA ASP A 83 12.14 2.17 -35.15
C ASP A 83 12.64 3.60 -35.39
N ALA A 84 13.96 3.75 -35.39
CA ALA A 84 14.59 5.05 -35.52
C ALA A 84 14.12 5.83 -36.74
N GLN A 85 14.22 5.21 -37.92
CA GLN A 85 13.88 5.89 -39.17
C GLN A 85 12.40 6.28 -39.23
N ALA A 86 11.54 5.35 -38.84
CA ALA A 86 10.10 5.58 -38.86
C ALA A 86 9.72 6.80 -37.99
N PHE A 87 10.37 6.88 -36.84
CA PHE A 87 10.16 7.99 -35.92
C PHE A 87 10.53 9.32 -36.57
N ALA A 88 11.54 9.27 -37.44
CA ALA A 88 12.04 10.48 -38.09
C ALA A 88 11.05 11.00 -39.13
N GLU A 89 10.58 10.12 -40.00
CA GLU A 89 9.65 10.53 -41.05
C GLU A 89 8.33 11.02 -40.46
N ALA A 90 7.93 10.44 -39.33
CA ALA A 90 6.72 10.84 -38.65
C ALA A 90 6.91 12.19 -37.98
N THR A 91 8.17 12.49 -37.68
CA THR A 91 8.53 13.74 -37.00
C THR A 91 8.46 14.94 -37.94
N GLU A 92 9.13 14.83 -39.07
CA GLU A 92 9.24 15.95 -40.01
C GLU A 92 7.88 16.50 -40.46
N SER A 93 6.95 15.62 -40.72
CA SER A 93 5.60 16.03 -41.13
C SER A 93 4.75 16.48 -39.95
N LEU A 94 5.40 16.66 -38.80
CA LEU A 94 4.71 17.06 -37.58
C LEU A 94 5.21 18.41 -37.08
N HIS A 95 4.45 19.47 -37.34
CA HIS A 95 4.81 20.80 -36.87
C HIS A 95 3.55 21.65 -36.77
N GLY A 96 3.72 22.88 -36.28
CA GLY A 96 2.61 23.79 -36.12
C GLY A 96 2.66 24.94 -37.11
N ARG A 97 1.88 25.98 -36.84
CA ARG A 97 1.85 27.15 -37.71
C ARG A 97 3.18 27.89 -37.68
N THR A 98 3.65 28.22 -36.48
CA THR A 98 4.90 28.98 -36.34
C THR A 98 5.92 28.22 -35.50
N ARG A 99 5.46 27.22 -34.76
CA ARG A 99 6.32 26.47 -33.86
C ARG A 99 6.86 25.20 -34.49
N VAL A 100 8.16 24.95 -34.29
CA VAL A 100 8.74 23.66 -34.64
C VAL A 100 8.59 22.72 -33.46
N TYR A 101 8.15 21.50 -33.71
CA TYR A 101 7.84 20.57 -32.63
C TYR A 101 9.03 19.70 -32.25
N PHE A 102 9.68 19.09 -33.24
CA PHE A 102 10.83 18.25 -32.99
C PHE A 102 12.08 18.79 -33.67
N ALA A 103 13.18 18.86 -32.93
CA ALA A 103 14.45 19.34 -33.48
C ALA A 103 15.62 18.59 -32.83
N ALA A 104 16.77 18.63 -33.50
CA ALA A 104 17.95 17.89 -33.04
C ALA A 104 18.71 18.66 -31.96
N ASP A 105 18.32 19.92 -31.75
CA ASP A 105 18.97 20.76 -30.77
C ASP A 105 17.94 21.65 -30.08
N GLU A 106 18.27 22.10 -28.87
CA GLU A 106 17.36 22.91 -28.08
C GLU A 106 17.10 24.28 -28.71
N GLN A 107 18.18 24.92 -29.17
CA GLN A 107 18.07 26.29 -29.68
C GLN A 107 17.02 26.44 -30.77
N THR A 108 16.95 25.46 -31.66
CA THR A 108 16.00 25.52 -32.78
C THR A 108 14.56 25.71 -32.32
N LEU A 109 14.20 25.00 -31.24
CA LEU A 109 12.84 25.09 -30.71
C LEU A 109 12.62 26.41 -29.97
N LEU A 110 13.71 26.99 -29.47
CA LEU A 110 13.63 28.28 -28.81
C LEU A 110 13.71 29.41 -29.84
N LYS A 111 14.07 29.05 -31.07
CA LYS A 111 14.22 30.02 -32.13
C LYS A 111 12.89 30.26 -32.84
N ASN A 112 12.32 29.18 -33.37
CA ASN A 112 11.07 29.27 -34.13
C ASN A 112 9.88 29.67 -33.27
N GLY A 113 9.79 29.07 -32.08
CA GLY A 113 8.75 29.44 -31.13
C GLY A 113 9.39 30.07 -29.91
N ASN A 114 8.57 30.38 -28.91
CA ASN A 114 9.08 30.93 -27.66
C ASN A 114 8.15 30.63 -26.48
N GLN A 115 8.73 30.54 -25.29
CA GLN A 115 7.96 30.17 -24.11
C GLN A 115 7.41 28.76 -24.30
N THR A 116 8.12 27.95 -25.07
CA THR A 116 7.65 26.62 -25.42
C THR A 116 8.12 25.53 -24.46
N LYS A 117 9.03 25.90 -23.55
CA LYS A 117 9.56 24.95 -22.58
C LYS A 117 9.91 23.62 -23.24
N PRO A 118 10.92 23.63 -24.11
CA PRO A 118 11.34 22.40 -24.80
C PRO A 118 12.14 21.48 -23.88
N LYS A 119 11.84 20.19 -23.91
CA LYS A 119 12.61 19.21 -23.14
C LYS A 119 13.36 18.27 -24.06
N HIS A 120 14.19 17.41 -23.49
CA HIS A 120 14.93 16.44 -24.29
C HIS A 120 14.44 15.02 -24.06
N VAL A 121 14.03 14.36 -25.13
CA VAL A 121 13.56 12.98 -25.01
C VAL A 121 14.73 12.03 -24.72
N PRO A 122 14.73 11.43 -23.53
CA PRO A 122 15.80 10.53 -23.10
C PRO A 122 16.09 9.42 -24.10
N GLY A 123 17.37 9.06 -24.24
CA GLY A 123 17.78 8.02 -25.16
C GLY A 123 17.53 8.39 -26.61
N THR A 124 17.57 9.69 -26.90
CA THR A 124 17.19 10.18 -28.21
C THR A 124 17.94 11.46 -28.56
N PRO A 125 18.28 11.62 -29.85
CA PRO A 125 18.88 12.86 -30.36
C PRO A 125 17.88 14.00 -30.45
N TYR A 126 16.61 13.72 -30.20
CA TYR A 126 15.54 14.68 -30.44
C TYR A 126 15.23 15.59 -29.25
N TRP A 127 14.57 16.70 -29.53
CA TRP A 127 14.04 17.60 -28.52
C TRP A 127 12.59 17.89 -28.88
N VAL A 128 11.74 18.08 -27.88
CA VAL A 128 10.33 18.32 -28.14
C VAL A 128 9.82 19.50 -27.33
N ILE A 129 8.86 20.22 -27.90
CA ILE A 129 8.25 21.33 -27.16
C ILE A 129 7.16 20.80 -26.23
N THR A 130 7.03 21.44 -25.07
CA THR A 130 6.17 20.93 -24.01
C THR A 130 4.99 21.84 -23.73
N ASN A 131 5.15 23.13 -24.02
CA ASN A 131 4.10 24.11 -23.76
C ASN A 131 2.86 23.90 -24.61
N THR A 132 2.10 22.85 -24.29
CA THR A 132 0.96 22.44 -25.09
C THR A 132 -0.03 21.70 -24.21
N ASN A 133 -1.32 21.89 -24.45
CA ASN A 133 -2.33 21.19 -23.67
C ASN A 133 -2.23 19.68 -23.86
N THR A 134 -3.01 18.92 -23.10
CA THR A 134 -2.92 17.47 -23.12
C THR A 134 -3.40 16.89 -24.45
N GLY A 135 -4.52 17.42 -24.94
CA GLY A 135 -5.10 16.97 -26.19
C GLY A 135 -4.12 17.02 -27.34
N ARG A 136 -3.42 18.15 -27.45
CA ARG A 136 -2.42 18.31 -28.49
C ARG A 136 -1.27 17.33 -28.32
N LYS A 137 -0.86 17.12 -27.07
CA LYS A 137 0.15 16.11 -26.77
C LYS A 137 -0.32 14.75 -27.28
N CYS A 138 -1.63 14.54 -27.25
CA CYS A 138 -2.19 13.30 -27.78
C CYS A 138 -2.11 13.30 -29.31
N SER A 139 -2.53 14.39 -29.91
CA SER A 139 -2.48 14.50 -31.37
C SER A 139 -1.10 14.15 -31.90
N MET A 140 -0.07 14.59 -31.18
CA MET A 140 1.31 14.32 -31.57
C MET A 140 1.63 12.83 -31.47
N ILE A 141 1.17 12.20 -30.39
CA ILE A 141 1.35 10.76 -30.26
C ILE A 141 0.51 10.06 -31.31
N GLU A 142 -0.71 10.55 -31.51
CA GLU A 142 -1.61 10.02 -32.51
C GLU A 142 -0.90 9.94 -33.84
N HIS A 143 -0.41 11.09 -34.30
CA HIS A 143 0.29 11.18 -35.57
C HIS A 143 1.44 10.17 -35.66
N ILE A 144 2.41 10.31 -34.76
CA ILE A 144 3.58 9.44 -34.75
C ILE A 144 3.20 7.97 -34.76
N MET A 145 2.16 7.61 -34.00
CA MET A 145 1.74 6.22 -33.92
C MET A 145 0.98 5.80 -35.16
N GLN A 146 0.12 6.67 -35.66
CA GLN A 146 -0.62 6.40 -36.88
C GLN A 146 0.35 6.19 -38.03
N SER A 147 1.43 6.97 -38.03
CA SER A 147 2.45 6.90 -39.06
C SER A 147 3.32 5.66 -38.95
N MET A 148 3.46 5.12 -37.74
CA MET A 148 4.28 3.93 -37.55
C MET A 148 3.48 2.65 -37.68
N GLN A 149 2.31 2.75 -38.32
CA GLN A 149 1.49 1.59 -38.64
C GLN A 149 0.96 0.86 -37.41
N PHE A 150 0.47 1.62 -36.44
CA PHE A 150 -0.14 1.05 -35.25
C PHE A 150 -1.64 0.92 -35.40
N PRO A 151 -2.20 -0.22 -34.95
CA PRO A 151 -3.64 -0.48 -34.98
C PRO A 151 -4.42 0.64 -34.30
N ALA A 152 -5.57 1.00 -34.87
CA ALA A 152 -6.35 2.13 -34.35
C ALA A 152 -6.63 2.01 -32.86
N GLU A 153 -7.18 0.88 -32.45
CA GLU A 153 -7.59 0.68 -31.06
C GLU A 153 -6.49 1.00 -30.07
N LEU A 154 -5.31 0.41 -30.29
CA LEU A 154 -4.18 0.63 -29.40
C LEU A 154 -3.83 2.11 -29.27
N ILE A 155 -3.81 2.82 -30.40
CA ILE A 155 -3.56 4.25 -30.39
C ILE A 155 -4.51 4.94 -29.42
N GLU A 156 -5.80 4.63 -29.52
CA GLU A 156 -6.79 5.24 -28.65
C GLU A 156 -6.51 4.97 -27.17
N LYS A 157 -6.11 3.75 -26.86
CA LYS A 157 -5.80 3.37 -25.48
C LYS A 157 -4.63 4.19 -24.95
N VAL A 158 -3.54 4.18 -25.71
CA VAL A 158 -2.35 4.96 -25.38
C VAL A 158 -2.67 6.43 -25.16
N CYS A 159 -3.41 7.03 -26.07
CA CYS A 159 -3.74 8.45 -25.94
C CYS A 159 -4.65 8.71 -24.75
N GLY A 160 -5.38 7.70 -24.33
CA GLY A 160 -6.30 7.83 -23.22
C GLY A 160 -5.58 7.98 -21.90
N THR A 161 -4.37 7.40 -21.82
CA THR A 161 -3.62 7.37 -20.59
C THR A 161 -2.74 8.60 -20.38
N ILE A 162 -2.50 9.36 -21.45
CA ILE A 162 -1.71 10.58 -21.35
C ILE A 162 -2.39 11.60 -20.43
N MET B 1 35.86 6.36 -6.40
CA MET B 1 35.51 6.73 -7.76
C MET B 1 36.75 6.57 -8.62
N LYS B 2 36.61 5.85 -9.73
CA LYS B 2 37.70 5.65 -10.69
C LYS B 2 37.33 6.31 -12.03
N THR B 3 38.31 6.56 -12.87
CA THR B 3 38.08 7.37 -14.06
C THR B 3 38.44 6.67 -15.35
N ILE B 4 37.51 6.70 -16.30
CA ILE B 4 37.75 6.22 -17.66
C ILE B 4 37.48 7.30 -18.69
N GLU B 5 38.15 7.20 -19.84
CA GLU B 5 38.01 8.19 -20.91
C GLU B 5 37.31 7.64 -22.16
N VAL B 6 36.19 8.27 -22.51
CA VAL B 6 35.42 7.91 -23.70
C VAL B 6 35.54 8.98 -24.77
N ASP B 7 35.41 8.57 -26.04
CA ASP B 7 35.53 9.51 -27.14
C ASP B 7 34.36 10.49 -27.15
N ASP B 8 34.46 11.54 -27.96
CA ASP B 8 33.46 12.59 -27.98
C ASP B 8 32.07 12.08 -28.36
N GLU B 9 32.00 11.20 -29.34
CA GLU B 9 30.72 10.70 -29.83
C GLU B 9 30.02 9.85 -28.77
N LEU B 10 30.72 8.83 -28.29
CA LEU B 10 30.21 7.93 -27.26
C LEU B 10 29.76 8.69 -26.02
N TYR B 11 30.34 9.86 -25.79
CA TYR B 11 29.98 10.70 -24.65
C TYR B 11 28.60 11.30 -24.82
N SER B 12 28.37 11.95 -25.96
CA SER B 12 27.07 12.56 -26.23
C SER B 12 25.96 11.53 -26.14
N TYR B 13 26.28 10.31 -26.55
CA TYR B 13 25.34 9.20 -26.53
C TYR B 13 24.90 8.90 -25.10
N ILE B 14 25.86 8.63 -24.23
CA ILE B 14 25.56 8.40 -22.82
C ILE B 14 24.79 9.58 -22.26
N ALA B 15 25.23 10.78 -22.61
CA ALA B 15 24.58 12.00 -22.13
C ALA B 15 23.11 12.02 -22.53
N SER B 16 22.81 11.52 -23.72
CA SER B 16 21.45 11.59 -24.24
C SER B 16 20.52 10.59 -23.53
N HIS B 17 21.10 9.60 -22.88
CA HIS B 17 20.30 8.62 -22.15
C HIS B 17 19.96 9.10 -20.75
N THR B 18 20.24 10.36 -20.46
CA THR B 18 19.91 10.95 -19.17
C THR B 18 18.40 11.02 -18.97
N LYS B 19 17.91 10.40 -17.90
CA LYS B 19 16.48 10.44 -17.58
C LYS B 19 16.13 11.58 -16.62
N HIS B 20 16.63 11.48 -15.38
CA HIS B 20 16.29 12.47 -14.37
C HIS B 20 17.49 13.24 -13.82
N ILE B 21 17.22 14.39 -13.21
CA ILE B 21 18.26 15.27 -12.68
C ILE B 21 19.16 14.61 -11.65
N GLY B 22 20.46 14.86 -11.77
CA GLY B 22 21.41 14.50 -10.74
C GLY B 22 22.02 13.12 -10.80
N GLU B 23 21.60 12.30 -11.77
CA GLU B 23 22.17 10.97 -11.90
C GLU B 23 23.55 11.01 -12.56
N SER B 24 24.40 10.04 -12.20
CA SER B 24 25.77 10.00 -12.68
C SER B 24 25.89 9.14 -13.94
N ARG B 25 27.02 9.30 -14.62
CA ARG B 25 27.33 8.47 -15.78
C ARG B 25 27.21 7.02 -15.37
N SER B 26 27.65 6.71 -14.16
CA SER B 26 27.55 5.37 -13.62
C SER B 26 26.09 4.93 -13.63
N ASP B 27 25.22 5.75 -13.06
CA ASP B 27 23.79 5.47 -13.03
C ASP B 27 23.29 5.16 -14.43
N ILE B 28 23.48 6.12 -15.34
CA ILE B 28 23.03 5.99 -16.72
C ILE B 28 23.55 4.71 -17.40
N LEU B 29 24.84 4.43 -17.21
CA LEU B 29 25.46 3.28 -17.86
C LEU B 29 24.88 1.95 -17.39
N ARG B 30 24.80 1.76 -16.08
CA ARG B 30 24.25 0.52 -15.52
C ARG B 30 22.85 0.26 -16.05
N ARG B 31 22.10 1.34 -16.26
CA ARG B 31 20.77 1.25 -16.86
C ARG B 31 20.87 0.79 -18.31
N MET B 32 21.86 1.30 -19.03
CA MET B 32 22.01 0.99 -20.46
C MET B 32 22.60 -0.39 -20.71
N LEU B 33 23.02 -1.07 -19.65
CA LEU B 33 23.71 -2.34 -19.79
C LEU B 33 22.94 -3.51 -19.18
N LYS B 34 21.87 -3.21 -18.47
CA LYS B 34 21.11 -4.23 -17.74
C LYS B 34 21.93 -4.75 -16.57
N PHE B 35 22.93 -3.97 -16.17
CA PHE B 35 23.81 -4.30 -15.05
C PHE B 35 23.19 -3.85 -13.73
N LYS B 41 18.19 -11.20 -1.78
CA LYS B 41 18.48 -11.54 -0.40
C LYS B 41 17.21 -11.75 0.42
N PRO B 42 17.30 -12.62 1.46
CA PRO B 42 16.19 -12.88 2.38
C PRO B 42 15.77 -11.60 3.10
N VAL B 43 14.46 -11.39 3.23
CA VAL B 43 13.95 -10.20 3.88
C VAL B 43 12.82 -10.54 4.84
N LYS B 44 12.57 -9.67 5.81
CA LYS B 44 11.48 -9.86 6.75
C LYS B 44 10.15 -9.74 6.03
N THR B 45 9.11 -10.34 6.59
CA THR B 45 7.78 -10.29 6.00
C THR B 45 7.20 -8.88 6.13
N ILE B 46 6.15 -8.59 5.35
CA ILE B 46 5.50 -7.29 5.44
C ILE B 46 4.97 -7.02 6.83
N LYS B 47 4.41 -8.06 7.46
CA LYS B 47 3.90 -7.94 8.82
C LYS B 47 5.01 -7.61 9.82
N ASP B 48 6.14 -8.29 9.67
CA ASP B 48 7.30 -8.05 10.51
C ASP B 48 7.82 -6.62 10.30
N LYS B 49 7.84 -6.18 9.05
CA LYS B 49 8.22 -4.81 8.72
C LYS B 49 7.27 -3.83 9.39
N VAL B 50 5.97 -4.08 9.24
CA VAL B 50 4.96 -3.21 9.82
C VAL B 50 5.07 -3.18 11.34
N ARG B 51 5.34 -4.32 11.94
CA ARG B 51 5.50 -4.39 13.38
C ARG B 51 6.66 -3.50 13.83
N ALA B 52 7.81 -3.65 13.18
CA ALA B 52 9.01 -2.90 13.51
C ALA B 52 8.78 -1.39 13.47
N MET B 53 8.00 -0.93 12.49
CA MET B 53 7.69 0.48 12.38
C MET B 53 6.75 0.93 13.48
N ARG B 54 5.78 0.08 13.81
CA ARG B 54 4.85 0.40 14.88
C ARG B 54 5.58 0.43 16.24
N GLU B 55 6.41 -0.57 16.49
CA GLU B 55 7.22 -0.57 17.69
C GLU B 55 8.02 0.72 17.78
N LEU B 56 8.55 1.16 16.65
CA LEU B 56 9.38 2.36 16.61
C LEU B 56 8.60 3.58 17.03
N LEU B 57 7.41 3.76 16.44
CA LEU B 57 6.59 4.92 16.77
C LEU B 57 6.29 4.97 18.26
N LEU B 58 6.18 3.80 18.88
CA LEU B 58 5.90 3.73 20.31
C LEU B 58 7.18 3.71 21.14
N SER B 59 8.28 3.39 20.51
CA SER B 59 9.56 3.24 21.20
C SER B 59 9.93 4.48 21.99
N ASP B 60 10.71 4.29 23.04
CA ASP B 60 11.22 5.41 23.84
C ASP B 60 12.20 6.23 23.01
N GLU B 61 13.09 5.55 22.31
CA GLU B 61 14.09 6.22 21.49
C GLU B 61 13.45 7.28 20.60
N TYR B 62 12.29 6.97 20.05
CA TYR B 62 11.63 7.87 19.12
C TYR B 62 11.06 9.09 19.83
N ALA B 63 10.56 8.91 21.04
CA ALA B 63 10.07 10.04 21.81
C ALA B 63 11.23 10.96 22.19
N GLU B 64 12.39 10.37 22.46
CA GLU B 64 13.55 11.13 22.90
C GLU B 64 14.05 12.09 21.82
N GLN B 65 13.82 11.74 20.55
CA GLN B 65 14.20 12.61 19.45
C GLN B 65 13.48 13.94 19.58
N LYS B 66 14.26 15.02 19.65
CA LYS B 66 13.75 16.34 19.98
C LYS B 66 12.97 17.01 18.84
N ARG B 67 13.55 17.02 17.65
CA ARG B 67 12.97 17.77 16.54
C ARG B 67 12.72 16.93 15.30
N ALA B 68 11.90 17.45 14.39
CA ALA B 68 11.51 16.74 13.17
C ALA B 68 12.69 16.07 12.47
N VAL B 69 13.67 16.86 12.06
CA VAL B 69 14.85 16.33 11.39
C VAL B 69 15.37 15.06 12.09
N ASN B 70 15.25 15.01 13.42
CA ASN B 70 15.72 13.86 14.18
C ASN B 70 14.84 12.62 14.00
N ARG B 71 13.52 12.82 14.06
CA ARG B 71 12.60 11.73 13.77
C ARG B 71 12.78 11.28 12.32
N PHE B 72 12.81 12.27 11.42
CA PHE B 72 13.05 12.02 10.01
C PHE B 72 14.21 11.05 9.82
N MET B 73 15.37 11.37 10.40
CA MET B 73 16.55 10.53 10.22
C MET B 73 16.33 9.14 10.79
N LEU B 74 15.85 9.07 12.02
CA LEU B 74 15.68 7.80 12.69
C LEU B 74 14.73 6.91 11.89
N LEU B 75 13.76 7.53 11.22
CA LEU B 75 12.81 6.84 10.36
C LEU B 75 13.52 6.21 9.17
N LEU B 76 14.45 6.96 8.57
CA LEU B 76 15.21 6.46 7.43
C LEU B 76 16.13 5.31 7.84
N SER B 77 16.90 5.51 8.90
CA SER B 77 17.75 4.43 9.40
C SER B 77 16.94 3.15 9.54
N THR B 78 15.77 3.26 10.18
CA THR B 78 14.96 2.08 10.44
C THR B 78 14.44 1.47 9.14
N LEU B 79 13.92 2.32 8.26
CA LEU B 79 13.38 1.83 7.00
C LEU B 79 14.45 1.04 6.25
N TYR B 80 15.65 1.60 6.17
CA TYR B 80 16.73 0.97 5.44
C TYR B 80 17.07 -0.39 6.04
N SER B 81 17.04 -0.47 7.37
CA SER B 81 17.42 -1.71 8.04
C SER B 81 16.41 -2.81 7.76
N LEU B 82 15.20 -2.43 7.39
CA LEU B 82 14.14 -3.40 7.14
C LEU B 82 14.26 -4.05 5.76
N ASP B 83 14.66 -3.28 4.76
CA ASP B 83 14.84 -3.82 3.42
C ASP B 83 15.74 -2.92 2.60
N ALA B 84 17.02 -3.22 2.59
CA ALA B 84 17.99 -2.38 1.90
C ALA B 84 17.64 -2.23 0.42
N GLN B 85 17.35 -3.34 -0.24
CA GLN B 85 17.01 -3.30 -1.67
C GLN B 85 15.85 -2.34 -1.92
N ALA B 86 14.75 -2.56 -1.22
CA ALA B 86 13.55 -1.76 -1.42
C ALA B 86 13.83 -0.29 -1.17
N PHE B 87 14.48 0.00 -0.05
CA PHE B 87 14.84 1.37 0.29
C PHE B 87 15.59 1.98 -0.88
N ALA B 88 16.62 1.27 -1.34
CA ALA B 88 17.41 1.74 -2.46
C ALA B 88 16.51 2.14 -3.63
N GLU B 89 15.64 1.23 -4.05
CA GLU B 89 14.77 1.52 -5.19
C GLU B 89 13.85 2.69 -4.90
N ALA B 90 13.28 2.71 -3.70
CA ALA B 90 12.36 3.76 -3.31
C ALA B 90 13.05 5.10 -3.34
N THR B 91 14.37 5.07 -3.29
CA THR B 91 15.14 6.28 -3.06
C THR B 91 15.81 6.81 -4.32
N GLU B 92 16.19 5.91 -5.21
CA GLU B 92 16.96 6.29 -6.39
C GLU B 92 16.17 7.18 -7.34
N SER B 93 14.85 7.04 -7.33
CA SER B 93 13.99 7.82 -8.22
C SER B 93 13.39 9.03 -7.51
N LEU B 94 13.94 9.37 -6.36
CA LEU B 94 13.37 10.41 -5.51
C LEU B 94 14.19 11.70 -5.54
N HIS B 95 13.62 12.75 -6.11
CA HIS B 95 14.32 14.03 -6.24
C HIS B 95 13.37 15.17 -6.51
N GLY B 96 13.93 16.37 -6.63
CA GLY B 96 13.12 17.55 -6.85
C GLY B 96 13.36 18.18 -8.21
N ARG B 97 13.05 19.45 -8.31
CA ARG B 97 13.20 20.19 -9.56
CA ARG B 97 13.20 20.18 -9.56
C ARG B 97 14.68 20.31 -9.94
N THR B 98 15.51 20.71 -8.99
CA THR B 98 16.94 20.86 -9.23
C THR B 98 17.79 20.09 -8.23
N ARG B 99 17.26 19.90 -7.03
CA ARG B 99 17.97 19.22 -5.95
C ARG B 99 17.87 17.70 -6.06
N VAL B 100 18.97 17.02 -5.81
CA VAL B 100 18.92 15.57 -5.62
C VAL B 100 18.69 15.32 -4.15
N TYR B 101 17.85 14.34 -3.82
CA TYR B 101 17.42 14.15 -2.43
C TYR B 101 18.31 13.18 -1.66
N PHE B 102 18.66 12.06 -2.27
CA PHE B 102 19.50 11.06 -1.64
C PHE B 102 20.69 10.73 -2.53
N ALA B 103 21.80 10.37 -1.90
CA ALA B 103 23.00 9.99 -2.65
C ALA B 103 23.86 9.06 -1.82
N ALA B 104 24.83 8.41 -2.45
CA ALA B 104 25.73 7.53 -1.73
C ALA B 104 26.97 8.29 -1.25
N ASP B 105 26.96 9.61 -1.42
CA ASP B 105 28.04 10.44 -0.91
C ASP B 105 27.53 11.86 -0.68
N GLU B 106 28.27 12.64 0.10
CA GLU B 106 27.85 14.00 0.40
C GLU B 106 27.96 14.94 -0.79
N GLN B 107 29.07 14.81 -1.53
CA GLN B 107 29.37 15.71 -2.64
C GLN B 107 28.22 15.83 -3.64
N THR B 108 27.69 14.69 -4.08
CA THR B 108 26.59 14.67 -5.03
C THR B 108 25.44 15.57 -4.62
N LEU B 109 25.11 15.55 -3.33
CA LEU B 109 24.03 16.39 -2.81
C LEU B 109 24.43 17.86 -2.77
N LEU B 110 25.66 18.12 -2.36
CA LEU B 110 26.15 19.50 -2.36
C LEU B 110 26.32 20.03 -3.77
N LYS B 111 26.60 19.13 -4.72
CA LYS B 111 26.90 19.54 -6.08
C LYS B 111 25.64 20.01 -6.80
N ASN B 112 24.61 19.19 -6.75
CA ASN B 112 23.35 19.48 -7.43
C ASN B 112 22.52 20.54 -6.69
N GLY B 113 22.14 20.24 -5.46
CA GLY B 113 21.56 21.26 -4.61
C GLY B 113 22.69 22.02 -3.95
N ASN B 114 22.35 23.06 -3.21
CA ASN B 114 23.35 23.75 -2.40
C ASN B 114 22.64 24.39 -1.22
N GLN B 115 23.31 24.43 -0.07
CA GLN B 115 22.65 24.85 1.16
C GLN B 115 21.60 23.81 1.52
N THR B 116 21.76 22.62 0.94
CA THR B 116 20.84 21.51 1.16
C THR B 116 21.09 20.83 2.50
N LYS B 117 22.20 21.19 3.15
CA LYS B 117 22.53 20.64 4.45
C LYS B 117 22.38 19.12 4.50
N PRO B 118 23.21 18.41 3.73
CA PRO B 118 23.23 16.94 3.71
C PRO B 118 23.67 16.36 5.05
N LYS B 119 22.98 15.31 5.50
CA LYS B 119 23.38 14.56 6.68
C LYS B 119 23.47 13.08 6.32
N HIS B 120 24.47 12.38 6.84
CA HIS B 120 24.59 10.95 6.58
C HIS B 120 23.59 10.18 7.42
N VAL B 121 22.90 9.22 6.81
CA VAL B 121 21.91 8.43 7.53
C VAL B 121 22.58 7.26 8.24
N PRO B 122 22.54 7.26 9.58
CA PRO B 122 23.20 6.24 10.39
C PRO B 122 22.77 4.81 10.05
N GLY B 123 23.73 3.88 10.09
CA GLY B 123 23.45 2.49 9.79
C GLY B 123 23.00 2.33 8.36
N THR B 124 23.67 3.05 7.47
CA THR B 124 23.19 3.25 6.11
C THR B 124 24.32 3.81 5.25
N PRO B 125 24.41 3.35 3.99
CA PRO B 125 25.38 3.92 3.04
C PRO B 125 24.90 5.23 2.43
N TYR B 126 23.78 5.76 2.90
CA TYR B 126 23.16 6.91 2.24
C TYR B 126 23.30 8.26 2.97
N TRP B 127 23.29 9.34 2.18
CA TRP B 127 23.19 10.71 2.68
C TRP B 127 21.88 11.30 2.19
N VAL B 128 21.27 12.17 2.98
CA VAL B 128 20.02 12.82 2.58
C VAL B 128 20.04 14.32 2.91
N ILE B 129 19.30 15.11 2.13
CA ILE B 129 19.26 16.55 2.35
C ILE B 129 18.35 16.92 3.52
N THR B 130 18.68 18.01 4.20
CA THR B 130 18.00 18.36 5.45
C THR B 130 17.27 19.69 5.36
N ASN B 131 17.79 20.60 4.53
CA ASN B 131 17.20 21.91 4.35
C ASN B 131 15.84 21.84 3.64
N THR B 132 14.80 21.50 4.41
CA THR B 132 13.46 21.30 3.88
C THR B 132 12.45 21.50 5.00
N ASN B 133 11.23 21.93 4.67
CA ASN B 133 10.18 22.04 5.68
C ASN B 133 9.63 20.68 6.10
N THR B 134 8.92 20.66 7.22
CA THR B 134 8.42 19.41 7.76
C THR B 134 7.52 18.73 6.73
N GLY B 135 6.75 19.53 6.01
CA GLY B 135 5.85 19.02 4.98
C GLY B 135 6.58 18.17 3.96
N ARG B 136 7.62 18.73 3.35
CA ARG B 136 8.41 18.01 2.38
C ARG B 136 9.06 16.76 2.98
N LYS B 137 9.40 16.81 4.26
CA LYS B 137 9.97 15.64 4.91
C LYS B 137 8.97 14.48 4.92
N CYS B 138 7.69 14.82 5.12
CA CYS B 138 6.63 13.82 5.10
C CYS B 138 6.45 13.25 3.70
N SER B 139 6.51 14.12 2.70
CA SER B 139 6.40 13.71 1.32
C SER B 139 7.44 12.65 0.99
N MET B 140 8.68 12.89 1.43
CA MET B 140 9.76 11.94 1.20
C MET B 140 9.48 10.61 1.90
N ILE B 141 9.04 10.69 3.15
CA ILE B 141 8.81 9.47 3.92
C ILE B 141 7.64 8.71 3.30
N GLU B 142 6.57 9.44 3.01
CA GLU B 142 5.41 8.84 2.39
C GLU B 142 5.78 8.15 1.08
N HIS B 143 6.50 8.86 0.24
CA HIS B 143 6.88 8.33 -1.06
C HIS B 143 7.72 7.07 -0.91
N ILE B 144 8.63 7.09 0.05
CA ILE B 144 9.49 5.94 0.32
C ILE B 144 8.69 4.74 0.81
N MET B 145 7.87 4.97 1.83
CA MET B 145 7.10 3.89 2.41
C MET B 145 6.09 3.32 1.42
N GLN B 146 5.51 4.19 0.60
CA GLN B 146 4.63 3.72 -0.46
C GLN B 146 5.36 2.79 -1.41
N SER B 147 6.57 3.18 -1.78
CA SER B 147 7.38 2.37 -2.67
C SER B 147 7.77 1.05 -2.00
N MET B 148 8.02 1.11 -0.70
CA MET B 148 8.42 -0.08 0.05
C MET B 148 7.22 -0.92 0.44
N GLN B 149 6.05 -0.54 -0.07
CA GLN B 149 4.82 -1.31 0.08
C GLN B 149 4.31 -1.44 1.52
N PHE B 150 4.31 -0.32 2.24
CA PHE B 150 3.73 -0.27 3.58
C PHE B 150 2.25 0.10 3.50
N PRO B 151 1.45 -0.36 4.47
CA PRO B 151 0.03 -0.05 4.57
C PRO B 151 -0.20 1.46 4.64
N ALA B 152 -1.16 1.95 3.85
CA ALA B 152 -1.44 3.39 3.81
C ALA B 152 -1.72 3.97 5.19
N GLU B 153 -2.39 3.22 6.04
CA GLU B 153 -2.75 3.71 7.38
C GLU B 153 -1.51 3.89 8.26
N LEU B 154 -0.52 3.02 8.08
CA LEU B 154 0.73 3.12 8.82
C LEU B 154 1.48 4.36 8.37
N ILE B 155 1.62 4.53 7.06
CA ILE B 155 2.29 5.70 6.50
C ILE B 155 1.65 6.96 7.04
N GLU B 156 0.33 6.96 7.14
CA GLU B 156 -0.41 8.10 7.64
C GLU B 156 -0.03 8.40 9.09
N LYS B 157 -0.09 7.37 9.93
CA LYS B 157 0.23 7.51 11.35
C LYS B 157 1.66 7.97 11.57
N VAL B 158 2.58 7.51 10.72
CA VAL B 158 3.98 7.88 10.83
C VAL B 158 4.22 9.35 10.49
N CYS B 159 3.68 9.81 9.37
CA CYS B 159 3.87 11.19 8.97
C CYS B 159 3.28 12.16 9.99
N GLY B 160 2.26 11.71 10.72
CA GLY B 160 1.65 12.53 11.76
C GLY B 160 2.55 12.78 12.95
N THR B 161 3.66 12.04 13.02
CA THR B 161 4.56 12.15 14.16
C THR B 161 5.82 12.95 13.82
N ILE B 162 6.06 13.16 12.54
CA ILE B 162 7.24 13.90 12.11
C ILE B 162 7.19 15.34 12.58
N MET E 1 -32.31 -24.25 26.55
CA MET E 1 -31.77 -24.98 25.41
C MET E 1 -32.12 -24.30 24.10
N LYS E 2 -31.20 -23.49 23.59
CA LYS E 2 -31.43 -22.74 22.37
C LYS E 2 -30.65 -23.31 21.20
N THR E 3 -31.06 -22.97 19.98
CA THR E 3 -30.49 -23.57 18.78
C THR E 3 -29.66 -22.57 17.99
N ILE E 4 -28.48 -23.02 17.54
CA ILE E 4 -27.59 -22.18 16.75
C ILE E 4 -27.10 -22.93 15.51
N GLU E 5 -26.76 -22.18 14.47
CA GLU E 5 -26.27 -22.75 13.22
C GLU E 5 -24.75 -22.85 13.20
N VAL E 6 -24.23 -23.88 12.55
CA VAL E 6 -22.80 -24.04 12.37
C VAL E 6 -22.48 -24.61 10.99
N ASP E 7 -21.58 -23.95 10.26
CA ASP E 7 -21.19 -24.45 8.94
C ASP E 7 -20.80 -25.92 9.03
N ASP E 8 -21.14 -26.67 7.98
CA ASP E 8 -20.95 -28.12 7.98
C ASP E 8 -19.53 -28.53 8.38
N GLU E 9 -18.56 -27.71 8.02
CA GLU E 9 -17.16 -28.03 8.33
C GLU E 9 -16.87 -28.00 9.82
N LEU E 10 -17.36 -26.96 10.49
CA LEU E 10 -17.18 -26.82 11.93
C LEU E 10 -17.92 -27.92 12.67
N TYR E 11 -19.11 -28.26 12.18
CA TYR E 11 -19.92 -29.31 12.78
C TYR E 11 -19.13 -30.61 12.88
N SER E 12 -18.32 -30.88 11.86
CA SER E 12 -17.47 -32.07 11.84
C SER E 12 -16.30 -31.91 12.81
N TYR E 13 -15.90 -30.66 13.04
CA TYR E 13 -14.78 -30.37 13.93
C TYR E 13 -15.17 -30.54 15.39
N ILE E 14 -16.37 -30.07 15.75
CA ILE E 14 -16.86 -30.17 17.12
C ILE E 14 -17.19 -31.61 17.47
N ALA E 15 -17.75 -32.33 16.50
CA ALA E 15 -18.11 -33.73 16.69
C ALA E 15 -16.90 -34.57 17.03
N SER E 16 -15.82 -34.37 16.29
CA SER E 16 -14.61 -35.18 16.46
C SER E 16 -13.97 -35.04 17.84
N HIS E 17 -14.44 -34.07 18.63
CA HIS E 17 -13.90 -33.87 19.97
C HIS E 17 -14.75 -34.54 21.04
N THR E 18 -15.59 -35.49 20.63
CA THR E 18 -16.37 -36.30 21.56
C THR E 18 -15.43 -37.19 22.36
N LYS E 19 -15.60 -37.22 23.67
CA LYS E 19 -14.73 -38.05 24.51
C LYS E 19 -15.51 -39.16 25.21
N HIS E 20 -16.80 -39.21 24.95
CA HIS E 20 -17.63 -40.35 25.34
C HIS E 20 -18.98 -40.28 24.63
N ILE E 21 -19.48 -41.44 24.19
CA ILE E 21 -20.67 -41.50 23.35
C ILE E 21 -21.93 -41.00 24.05
N GLY E 22 -22.64 -40.10 23.39
CA GLY E 22 -23.89 -39.57 23.92
C GLY E 22 -23.81 -38.17 24.53
N GLU E 23 -22.62 -37.69 24.85
CA GLU E 23 -22.52 -36.38 25.49
C GLU E 23 -22.93 -35.25 24.56
N SER E 24 -23.62 -34.26 25.12
CA SER E 24 -24.18 -33.15 24.36
C SER E 24 -23.11 -32.32 23.69
N ARG E 25 -23.46 -31.68 22.58
CA ARG E 25 -22.56 -30.72 21.94
C ARG E 25 -22.27 -29.57 22.90
N SER E 26 -23.18 -29.33 23.84
CA SER E 26 -22.95 -28.35 24.90
C SER E 26 -21.69 -28.70 25.69
N ASP E 27 -21.70 -29.86 26.33
CA ASP E 27 -20.55 -30.29 27.11
C ASP E 27 -19.25 -30.17 26.32
N ILE E 28 -19.28 -30.65 25.08
CA ILE E 28 -18.11 -30.60 24.22
C ILE E 28 -17.59 -29.18 24.05
N LEU E 29 -18.46 -28.28 23.61
CA LEU E 29 -18.06 -26.88 23.44
C LEU E 29 -17.50 -26.33 24.74
N ARG E 30 -18.26 -26.46 25.83
CA ARG E 30 -17.80 -26.00 27.14
C ARG E 30 -16.38 -26.45 27.41
N ARG E 31 -16.05 -27.67 26.98
CA ARG E 31 -14.69 -28.16 27.12
C ARG E 31 -13.76 -27.28 26.28
N MET E 32 -14.00 -27.23 24.98
CA MET E 32 -13.18 -26.42 24.09
C MET E 32 -13.09 -24.97 24.53
N LEU E 33 -14.23 -24.30 24.62
CA LEU E 33 -14.28 -22.88 24.94
C LEU E 33 -13.49 -22.51 26.19
N LYS E 34 -13.50 -23.38 27.20
CA LYS E 34 -12.79 -23.10 28.43
C LYS E 34 -11.33 -23.56 28.37
N PHE E 35 -11.09 -24.69 27.72
CA PHE E 35 -9.76 -25.27 27.70
C PHE E 35 -8.89 -24.77 26.54
N SER E 36 -9.53 -24.10 25.57
CA SER E 36 -8.80 -23.50 24.45
C SER E 36 -8.44 -22.07 24.82
N ALA E 37 -8.93 -21.63 25.97
CA ALA E 37 -8.55 -20.34 26.53
C ALA E 37 -7.16 -20.48 27.15
N ALA E 38 -6.64 -21.70 27.17
CA ALA E 38 -5.34 -21.97 27.76
C ALA E 38 -4.23 -21.96 26.72
N SER E 39 -4.61 -22.04 25.45
CA SER E 39 -3.65 -21.93 24.35
C SER E 39 -3.21 -20.47 24.19
N GLN E 40 -3.96 -19.57 24.82
CA GLN E 40 -3.66 -18.15 24.80
C GLN E 40 -2.60 -17.80 25.84
N LYS E 41 -1.87 -16.71 25.61
CA LYS E 41 -0.77 -16.34 26.50
C LYS E 41 -1.24 -15.95 27.90
N PRO E 42 -0.33 -15.99 28.87
CA PRO E 42 -0.65 -15.66 30.27
C PRO E 42 -0.90 -14.16 30.45
N VAL E 43 -1.58 -13.81 31.54
CA VAL E 43 -1.88 -12.41 31.83
C VAL E 43 -1.86 -12.15 33.34
N LYS E 44 -1.33 -13.10 34.10
CA LYS E 44 -1.35 -13.01 35.55
C LYS E 44 -0.40 -11.96 36.11
N THR E 45 0.86 -12.00 35.67
CA THR E 45 1.85 -11.04 36.16
C THR E 45 1.78 -9.73 35.39
N ILE E 46 2.19 -8.65 36.04
CA ILE E 46 2.23 -7.34 35.41
C ILE E 46 3.01 -7.37 34.10
N LYS E 47 4.15 -8.04 34.12
CA LYS E 47 4.98 -8.15 32.92
C LYS E 47 4.19 -8.76 31.77
N ASP E 48 3.34 -9.73 32.10
CA ASP E 48 2.49 -10.38 31.11
C ASP E 48 1.38 -9.48 30.59
N LYS E 49 0.88 -8.62 31.47
CA LYS E 49 -0.14 -7.66 31.09
C LYS E 49 0.44 -6.56 30.21
N VAL E 50 1.60 -6.04 30.61
CA VAL E 50 2.31 -5.06 29.79
C VAL E 50 2.53 -5.64 28.39
N ARG E 51 3.07 -6.85 28.34
CA ARG E 51 3.33 -7.49 27.06
C ARG E 51 2.03 -7.64 26.28
N ALA E 52 0.93 -7.80 27.01
CA ALA E 52 -0.39 -7.99 26.40
C ALA E 52 -0.94 -6.69 25.82
N MET E 53 -0.88 -5.61 26.60
CA MET E 53 -1.33 -4.30 26.13
C MET E 53 -0.42 -3.82 25.00
N ARG E 54 0.84 -4.23 25.03
CA ARG E 54 1.78 -3.86 23.99
C ARG E 54 1.37 -4.48 22.66
N GLU E 55 1.00 -5.75 22.70
CA GLU E 55 0.58 -6.47 21.50
C GLU E 55 -0.65 -5.85 20.86
N LEU E 56 -1.56 -5.37 21.69
CA LEU E 56 -2.78 -4.75 21.20
C LEU E 56 -2.44 -3.53 20.37
N LEU E 57 -1.66 -2.62 20.94
CA LEU E 57 -1.23 -1.42 20.24
C LEU E 57 -0.51 -1.76 18.92
N LEU E 58 0.31 -2.81 18.94
CA LEU E 58 1.07 -3.20 17.77
C LEU E 58 0.26 -4.05 16.80
N SER E 59 -0.96 -4.39 17.21
CA SER E 59 -1.79 -5.32 16.45
C SER E 59 -2.38 -4.71 15.19
N ASP E 60 -2.68 -5.55 14.20
CA ASP E 60 -3.34 -5.08 12.99
C ASP E 60 -4.72 -4.55 13.32
N GLU E 61 -5.46 -5.28 14.16
CA GLU E 61 -6.82 -4.91 14.47
C GLU E 61 -6.92 -3.51 15.05
N TYR E 62 -6.19 -3.28 16.14
CA TYR E 62 -6.21 -1.98 16.79
C TYR E 62 -5.86 -0.87 15.82
N ALA E 63 -5.09 -1.23 14.80
CA ALA E 63 -4.65 -0.26 13.80
C ALA E 63 -5.75 0.06 12.80
N GLU E 64 -6.58 -0.93 12.52
CA GLU E 64 -7.66 -0.75 11.55
C GLU E 64 -8.69 0.27 12.03
N GLN E 65 -8.94 0.30 13.35
CA GLN E 65 -9.93 1.20 13.92
C GLN E 65 -9.68 2.64 13.51
N LYS E 66 -10.75 3.32 13.10
CA LYS E 66 -10.64 4.71 12.69
C LYS E 66 -11.30 5.66 13.69
N ARG E 67 -12.18 5.13 14.52
CA ARG E 67 -12.85 5.93 15.54
C ARG E 67 -12.17 5.76 16.90
N ALA E 68 -12.37 6.74 17.79
CA ALA E 68 -11.84 6.67 19.14
C ALA E 68 -12.64 5.65 19.94
N VAL E 69 -13.96 5.73 19.82
CA VAL E 69 -14.84 4.79 20.51
C VAL E 69 -14.46 3.35 20.17
N ASN E 70 -14.04 3.10 18.94
CA ASN E 70 -13.66 1.75 18.55
C ASN E 70 -12.38 1.30 19.24
N ARG E 71 -11.37 2.16 19.27
CA ARG E 71 -10.16 1.86 20.03
C ARG E 71 -10.52 1.72 21.49
N PHE E 72 -11.40 2.59 21.97
CA PHE E 72 -11.88 2.56 23.33
C PHE E 72 -12.41 1.17 23.67
N MET E 73 -13.24 0.64 22.79
CA MET E 73 -13.85 -0.67 23.00
C MET E 73 -12.81 -1.78 23.06
N LEU E 74 -11.90 -1.81 22.10
CA LEU E 74 -10.87 -2.83 22.07
C LEU E 74 -10.05 -2.82 23.37
N LEU E 75 -9.92 -1.65 23.98
CA LEU E 75 -9.15 -1.53 25.20
C LEU E 75 -9.90 -2.17 26.38
N LEU E 76 -11.13 -1.74 26.60
CA LEU E 76 -11.99 -2.36 27.61
C LEU E 76 -12.05 -3.86 27.36
N SER E 77 -12.35 -4.23 26.12
CA SER E 77 -12.47 -5.63 25.74
C SER E 77 -11.21 -6.41 26.16
N THR E 78 -10.04 -5.82 25.94
CA THR E 78 -8.79 -6.48 26.27
C THR E 78 -8.48 -6.43 27.76
N LEU E 79 -8.71 -5.28 28.38
CA LEU E 79 -8.44 -5.10 29.80
C LEU E 79 -9.21 -6.11 30.64
N TYR E 80 -10.45 -6.38 30.25
CA TYR E 80 -11.26 -7.34 30.97
C TYR E 80 -10.63 -8.73 30.94
N SER E 81 -10.11 -9.12 29.79
CA SER E 81 -9.57 -10.47 29.62
C SER E 81 -8.24 -10.66 30.34
N LEU E 82 -7.67 -9.58 30.87
CA LEU E 82 -6.42 -9.67 31.60
C LEU E 82 -6.66 -10.11 33.04
N ASP E 83 -7.78 -9.68 33.59
CA ASP E 83 -8.12 -9.96 34.98
C ASP E 83 -9.57 -9.58 35.26
N ALA E 84 -10.45 -10.57 35.24
CA ALA E 84 -11.88 -10.34 35.41
C ALA E 84 -12.23 -9.55 36.67
N GLN E 85 -11.76 -10.03 37.82
CA GLN E 85 -12.09 -9.41 39.09
C GLN E 85 -11.57 -7.98 39.20
N ALA E 86 -10.32 -7.79 38.79
CA ALA E 86 -9.68 -6.47 38.85
C ALA E 86 -10.47 -5.45 38.03
N PHE E 87 -10.94 -5.88 36.87
CA PHE E 87 -11.74 -5.04 36.00
C PHE E 87 -13.03 -4.62 36.69
N ALA E 88 -13.55 -5.50 37.53
CA ALA E 88 -14.81 -5.23 38.21
C ALA E 88 -14.66 -4.17 39.28
N GLU E 89 -13.65 -4.31 40.14
CA GLU E 89 -13.44 -3.35 41.21
C GLU E 89 -13.09 -1.98 40.67
N ALA E 90 -12.40 -1.95 39.53
CA ALA E 90 -12.05 -0.68 38.89
C ALA E 90 -13.28 -0.06 38.25
N THR E 91 -14.26 -0.90 37.93
CA THR E 91 -15.49 -0.45 37.30
C THR E 91 -16.42 0.26 38.28
N GLU E 92 -16.70 -0.39 39.41
CA GLU E 92 -17.67 0.12 40.37
C GLU E 92 -17.34 1.53 40.86
N SER E 93 -16.05 1.79 41.12
CA SER E 93 -15.62 3.11 41.57
C SER E 93 -15.52 4.11 40.42
N LEU E 94 -16.07 3.73 39.26
CA LEU E 94 -16.01 4.56 38.07
C LEU E 94 -17.42 4.93 37.60
N HIS E 95 -17.84 6.14 37.92
CA HIS E 95 -19.14 6.65 37.49
C HIS E 95 -19.13 8.17 37.44
N GLY E 96 -20.24 8.74 37.00
CA GLY E 96 -20.35 10.18 36.87
C GLY E 96 -21.30 10.76 37.91
N ARG E 97 -21.71 12.01 37.69
CA ARG E 97 -22.64 12.66 38.60
C ARG E 97 -24.01 12.00 38.57
N THR E 98 -24.57 11.85 37.38
CA THR E 98 -25.90 11.27 37.23
C THR E 98 -25.89 10.03 36.34
N ARG E 99 -24.81 9.86 35.58
CA ARG E 99 -24.71 8.76 34.64
C ARG E 99 -23.96 7.56 35.20
N VAL E 100 -24.51 6.37 34.97
CA VAL E 100 -23.78 5.14 35.28
C VAL E 100 -22.95 4.76 34.06
N TYR E 101 -21.68 4.42 34.28
CA TYR E 101 -20.77 4.17 33.18
C TYR E 101 -20.74 2.70 32.74
N PHE E 102 -20.60 1.80 33.70
CA PHE E 102 -20.57 0.38 33.40
C PHE E 102 -21.72 -0.35 34.08
N ALA E 103 -22.42 -1.18 33.31
CA ALA E 103 -23.53 -1.98 33.84
C ALA E 103 -23.60 -3.34 33.17
N ALA E 104 -24.28 -4.28 33.80
CA ALA E 104 -24.36 -5.65 33.29
C ALA E 104 -25.43 -5.79 32.22
N ASP E 105 -26.25 -4.75 32.06
CA ASP E 105 -27.33 -4.76 31.10
C ASP E 105 -27.48 -3.39 30.46
N GLU E 106 -28.06 -3.36 29.27
CA GLU E 106 -28.22 -2.11 28.51
C GLU E 106 -29.18 -1.14 29.19
N GLN E 107 -30.31 -1.67 29.67
CA GLN E 107 -31.36 -0.82 30.21
C GLN E 107 -30.87 0.09 31.34
N THR E 108 -30.00 -0.44 32.20
CA THR E 108 -29.49 0.32 33.33
C THR E 108 -28.83 1.62 32.90
N LEU E 109 -28.06 1.56 31.82
CA LEU E 109 -27.36 2.73 31.31
C LEU E 109 -28.32 3.69 30.63
N LEU E 110 -29.43 3.16 30.12
CA LEU E 110 -30.46 3.99 29.50
C LEU E 110 -31.42 4.53 30.57
N LYS E 111 -31.30 3.99 31.78
CA LYS E 111 -32.18 4.38 32.88
C LYS E 111 -31.60 5.58 33.62
N ASN E 112 -30.37 5.42 34.12
CA ASN E 112 -29.72 6.46 34.90
C ASN E 112 -29.38 7.69 34.08
N GLY E 113 -28.85 7.47 32.88
CA GLY E 113 -28.58 8.56 31.96
C GLY E 113 -29.48 8.45 30.75
N ASN E 114 -29.28 9.33 29.78
CA ASN E 114 -30.03 9.27 28.53
C ASN E 114 -29.28 9.90 27.37
N GLN E 115 -29.56 9.42 26.17
CA GLN E 115 -28.84 9.88 24.99
C GLN E 115 -27.37 9.52 25.14
N THR E 116 -27.10 8.44 25.87
CA THR E 116 -25.72 8.05 26.18
C THR E 116 -25.13 7.07 25.18
N LYS E 117 -25.96 6.58 24.27
CA LYS E 117 -25.50 5.63 23.25
C LYS E 117 -24.60 4.56 23.85
N PRO E 118 -25.17 3.70 24.71
CA PRO E 118 -24.40 2.64 25.34
C PRO E 118 -24.11 1.50 24.38
N LYS E 119 -22.89 0.99 24.37
CA LYS E 119 -22.54 -0.16 23.54
C LYS E 119 -22.18 -1.35 24.43
N HIS E 120 -21.95 -2.49 23.81
CA HIS E 120 -21.59 -3.69 24.55
C HIS E 120 -20.14 -4.10 24.29
N VAL E 121 -19.34 -4.18 25.34
CA VAL E 121 -17.95 -4.58 25.19
C VAL E 121 -17.85 -6.07 24.85
N PRO E 122 -17.37 -6.37 23.64
CA PRO E 122 -17.26 -7.75 23.15
C PRO E 122 -16.50 -8.66 24.12
N GLY E 123 -16.93 -9.92 24.21
CA GLY E 123 -16.30 -10.89 25.09
C GLY E 123 -16.44 -10.52 26.55
N THR E 124 -17.52 -9.82 26.89
CA THR E 124 -17.68 -9.27 28.23
C THR E 124 -19.15 -9.17 28.60
N PRO E 125 -19.46 -9.39 29.88
CA PRO E 125 -20.82 -9.20 30.42
C PRO E 125 -21.17 -7.73 30.58
N TYR E 126 -20.21 -6.84 30.34
CA TYR E 126 -20.39 -5.42 30.63
C TYR E 126 -20.97 -4.61 29.48
N TRP E 127 -21.50 -3.44 29.82
CA TRP E 127 -21.96 -2.45 28.84
C TRP E 127 -21.36 -1.12 29.25
N VAL E 128 -21.04 -0.27 28.27
CA VAL E 128 -20.41 1.01 28.56
C VAL E 128 -21.10 2.13 27.82
N ILE E 129 -21.15 3.31 28.42
CA ILE E 129 -21.72 4.47 27.73
C ILE E 129 -20.67 5.10 26.81
N THR E 130 -21.13 5.61 25.67
CA THR E 130 -20.24 6.05 24.61
C THR E 130 -20.31 7.55 24.39
N ASN E 131 -21.45 8.16 24.71
CA ASN E 131 -21.66 9.59 24.51
C ASN E 131 -20.76 10.45 25.38
N THR E 132 -19.48 10.48 25.04
CA THR E 132 -18.47 11.16 25.84
C THR E 132 -17.32 11.58 24.96
N ASN E 133 -16.73 12.73 25.25
CA ASN E 133 -15.58 13.19 24.45
C ASN E 133 -14.40 12.23 24.59
N THR E 134 -13.35 12.46 23.81
CA THR E 134 -12.21 11.55 23.79
C THR E 134 -11.44 11.57 25.10
N GLY E 135 -11.23 12.77 25.63
CA GLY E 135 -10.49 12.94 26.88
C GLY E 135 -11.08 12.12 28.01
N ARG E 136 -12.40 12.20 28.16
CA ARG E 136 -13.10 11.44 29.18
C ARG E 136 -12.96 9.93 28.94
N LYS E 137 -13.03 9.52 27.69
CA LYS E 137 -12.80 8.12 27.33
C LYS E 137 -11.41 7.72 27.80
N CYS E 138 -10.48 8.67 27.78
CA CYS E 138 -9.14 8.40 28.29
C CYS E 138 -9.16 8.27 29.81
N SER E 139 -9.80 9.23 30.47
CA SER E 139 -9.89 9.22 31.93
C SER E 139 -10.40 7.85 32.41
N MET E 140 -11.36 7.29 31.69
CA MET E 140 -11.92 5.98 32.04
C MET E 140 -10.88 4.87 31.88
N ILE E 141 -10.11 4.93 30.80
CA ILE E 141 -9.05 3.96 30.61
C ILE E 141 -7.97 4.20 31.66
N GLU E 142 -7.67 5.48 31.88
CA GLU E 142 -6.70 5.88 32.89
C GLU E 142 -7.03 5.20 34.21
N HIS E 143 -8.24 5.45 34.69
CA HIS E 143 -8.70 4.87 35.95
C HIS E 143 -8.53 3.36 35.98
N ILE E 144 -9.22 2.67 35.07
CA ILE E 144 -9.17 1.21 35.00
C ILE E 144 -7.75 0.69 34.97
N MET E 145 -6.88 1.37 34.22
CA MET E 145 -5.49 0.91 34.10
C MET E 145 -4.68 1.25 35.34
N GLN E 146 -4.90 2.43 35.89
CA GLN E 146 -4.24 2.84 37.12
C GLN E 146 -4.61 1.88 38.24
N SER E 147 -5.86 1.44 38.23
CA SER E 147 -6.37 0.54 39.25
C SER E 147 -5.85 -0.89 39.08
N MET E 148 -5.51 -1.27 37.86
CA MET E 148 -5.02 -2.62 37.60
C MET E 148 -3.49 -2.69 37.70
N GLN E 149 -2.91 -1.71 38.37
CA GLN E 149 -1.47 -1.70 38.68
C GLN E 149 -0.60 -1.64 37.44
N PHE E 150 -0.96 -0.77 36.50
CA PHE E 150 -0.16 -0.56 35.29
C PHE E 150 0.83 0.59 35.48
N PRO E 151 2.07 0.41 35.00
CA PRO E 151 3.11 1.45 35.04
C PRO E 151 2.63 2.75 34.42
N ALA E 152 3.00 3.88 35.02
CA ALA E 152 2.50 5.17 34.57
C ALA E 152 2.75 5.39 33.07
N GLU E 153 3.98 5.21 32.63
CA GLU E 153 4.36 5.49 31.26
C GLU E 153 3.44 4.79 30.25
N LEU E 154 3.25 3.48 30.42
CA LEU E 154 2.40 2.72 29.51
C LEU E 154 0.98 3.29 29.43
N ILE E 155 0.43 3.64 30.58
CA ILE E 155 -0.89 4.24 30.61
C ILE E 155 -0.94 5.46 29.69
N GLU E 156 0.06 6.33 29.81
CA GLU E 156 0.11 7.53 28.98
C GLU E 156 0.15 7.20 27.49
N LYS E 157 0.92 6.18 27.13
CA LYS E 157 1.03 5.76 25.72
C LYS E 157 -0.32 5.28 25.21
N VAL E 158 -0.93 4.36 25.94
CA VAL E 158 -2.25 3.85 25.61
C VAL E 158 -3.28 4.96 25.45
N CYS E 159 -3.33 5.88 26.41
CA CYS E 159 -4.30 6.96 26.32
C CYS E 159 -4.02 7.90 25.15
N GLY E 160 -2.76 7.93 24.72
CA GLY E 160 -2.38 8.81 23.63
C GLY E 160 -2.92 8.35 22.30
N THR E 161 -3.15 7.04 22.18
CA THR E 161 -3.58 6.44 20.92
C THR E 161 -5.09 6.43 20.75
N ILE E 162 -5.83 6.63 21.84
CA ILE E 162 -7.29 6.68 21.76
C ILE E 162 -7.74 7.86 20.89
N MET F 1 -25.64 -25.96 5.93
CA MET F 1 -25.72 -25.51 7.31
C MET F 1 -26.28 -26.65 8.14
N LYS F 2 -25.60 -26.99 9.23
CA LYS F 2 -26.04 -28.04 10.16
C LYS F 2 -26.35 -27.39 11.52
N THR F 3 -27.11 -28.10 12.35
CA THR F 3 -27.61 -27.48 13.57
C THR F 3 -27.21 -28.23 14.83
N ILE F 4 -26.69 -27.47 15.80
CA ILE F 4 -26.42 -28.00 17.14
C ILE F 4 -27.13 -27.19 18.22
N GLU F 5 -27.41 -27.83 19.35
CA GLU F 5 -28.12 -27.19 20.46
C GLU F 5 -27.24 -26.98 21.70
N VAL F 6 -27.12 -25.73 22.10
CA VAL F 6 -26.35 -25.34 23.28
C VAL F 6 -27.28 -24.86 24.39
N ASP F 7 -26.85 -25.04 25.64
CA ASP F 7 -27.67 -24.63 26.77
C ASP F 7 -27.80 -23.11 26.84
N ASP F 8 -28.71 -22.63 27.69
CA ASP F 8 -28.99 -21.21 27.77
C ASP F 8 -27.78 -20.37 28.14
N GLU F 9 -27.00 -20.86 29.10
CA GLU F 9 -25.84 -20.11 29.60
C GLU F 9 -24.77 -19.99 28.52
N LEU F 10 -24.35 -21.13 27.98
CA LEU F 10 -23.33 -21.19 26.94
C LEU F 10 -23.70 -20.34 25.73
N TYR F 11 -25.01 -20.14 25.54
CA TYR F 11 -25.51 -19.33 24.44
C TYR F 11 -25.21 -17.85 24.66
N SER F 12 -25.58 -17.33 25.82
CA SER F 12 -25.34 -15.92 26.15
C SER F 12 -23.85 -15.61 26.04
N TYR F 13 -23.04 -16.59 26.39
CA TYR F 13 -21.58 -16.45 26.35
C TYR F 13 -21.12 -16.20 24.92
N ILE F 14 -21.45 -17.11 24.02
CA ILE F 14 -21.11 -16.96 22.62
C ILE F 14 -21.66 -15.62 22.11
N ALA F 15 -22.89 -15.31 22.50
CA ALA F 15 -23.52 -14.06 22.06
C ALA F 15 -22.69 -12.86 22.51
N SER F 16 -22.09 -12.94 23.68
CA SER F 16 -21.35 -11.81 24.22
C SER F 16 -20.01 -11.60 23.51
N HIS F 17 -19.55 -12.61 22.80
CA HIS F 17 -18.30 -12.50 22.05
C HIS F 17 -18.52 -11.88 20.67
N THR F 18 -19.72 -11.38 20.43
CA THR F 18 -20.03 -10.73 19.17
C THR F 18 -19.22 -9.44 19.00
N LYS F 19 -18.45 -9.36 17.92
CA LYS F 19 -17.68 -8.16 17.63
C LYS F 19 -18.43 -7.20 16.72
N HIS F 20 -18.66 -7.60 15.47
CA HIS F 20 -19.28 -6.73 14.49
C HIS F 20 -20.61 -7.25 13.96
N ILE F 21 -21.41 -6.35 13.39
CA ILE F 21 -22.74 -6.67 12.86
C ILE F 21 -22.73 -7.75 11.79
N GLY F 22 -23.68 -8.67 11.90
CA GLY F 22 -23.94 -9.62 10.83
C GLY F 22 -23.16 -10.92 10.83
N GLU F 23 -22.24 -11.07 11.79
CA GLU F 23 -21.46 -12.31 11.85
C GLU F 23 -22.28 -13.45 12.48
N SER F 24 -21.98 -14.67 12.08
CA SER F 24 -22.72 -15.84 12.53
C SER F 24 -22.08 -16.48 13.75
N ARG F 25 -22.84 -17.34 14.43
CA ARG F 25 -22.31 -18.11 15.54
C ARG F 25 -21.05 -18.83 15.09
N SER F 26 -21.09 -19.32 13.86
CA SER F 26 -19.94 -19.99 13.27
C SER F 26 -18.74 -19.04 13.30
N ASP F 27 -18.93 -17.84 12.77
CA ASP F 27 -17.88 -16.83 12.76
C ASP F 27 -17.31 -16.64 14.17
N ILE F 28 -18.19 -16.27 15.10
CA ILE F 28 -17.80 -16.04 16.49
C ILE F 28 -17.04 -17.22 17.10
N LEU F 29 -17.55 -18.43 16.89
CA LEU F 29 -16.95 -19.63 17.47
C LEU F 29 -15.54 -19.89 16.97
N ARG F 30 -15.35 -19.88 15.66
CA ARG F 30 -14.05 -20.13 15.07
C ARG F 30 -13.02 -19.15 15.62
N ARG F 31 -13.47 -17.92 15.88
CA ARG F 31 -12.62 -16.91 16.50
C ARG F 31 -12.27 -17.30 17.93
N MET F 32 -13.24 -17.85 18.66
CA MET F 32 -13.06 -18.19 20.06
C MET F 32 -12.26 -19.48 20.26
N LEU F 33 -11.97 -20.18 19.17
CA LEU F 33 -11.32 -21.47 19.24
C LEU F 33 -9.93 -21.50 18.62
N LYS F 34 -9.57 -20.42 17.93
CA LYS F 34 -8.31 -20.37 17.19
C LYS F 34 -8.38 -21.29 15.98
N PHE F 35 -9.60 -21.64 15.59
CA PHE F 35 -9.85 -22.50 14.45
C PHE F 35 -9.88 -21.69 13.15
N LYS F 41 -1.21 -21.37 1.06
CA LYS F 41 -1.11 -21.76 -0.35
C LYS F 41 -0.23 -20.82 -1.15
N PRO F 42 0.41 -21.35 -2.21
CA PRO F 42 1.25 -20.55 -3.12
C PRO F 42 0.43 -19.45 -3.80
N VAL F 43 1.00 -18.26 -3.88
CA VAL F 43 0.31 -17.13 -4.48
C VAL F 43 1.22 -16.37 -5.43
N LYS F 44 0.63 -15.63 -6.36
CA LYS F 44 1.40 -14.82 -7.30
C LYS F 44 2.07 -13.67 -6.54
N THR F 45 3.16 -13.15 -7.11
CA THR F 45 3.88 -12.05 -6.48
C THR F 45 3.06 -10.77 -6.55
N ILE F 46 3.44 -9.77 -5.75
CA ILE F 46 2.74 -8.48 -5.77
C ILE F 46 2.80 -7.85 -7.15
N LYS F 47 3.96 -7.96 -7.81
CA LYS F 47 4.13 -7.42 -9.15
C LYS F 47 3.21 -8.12 -10.15
N ASP F 48 3.13 -9.44 -10.05
CA ASP F 48 2.24 -10.22 -10.91
C ASP F 48 0.79 -9.83 -10.66
N LYS F 49 0.44 -9.63 -9.39
CA LYS F 49 -0.90 -9.18 -9.02
C LYS F 49 -1.17 -7.81 -9.63
N VAL F 50 -0.21 -6.89 -9.46
CA VAL F 50 -0.37 -5.54 -9.99
C VAL F 50 -0.49 -5.56 -11.51
N ARG F 51 0.29 -6.42 -12.16
CA ARG F 51 0.23 -6.54 -13.61
C ARG F 51 -1.17 -6.96 -14.05
N ALA F 52 -1.70 -8.02 -13.43
CA ALA F 52 -3.01 -8.55 -13.76
C ALA F 52 -4.10 -7.50 -13.65
N MET F 53 -4.02 -6.64 -12.65
CA MET F 53 -5.00 -5.58 -12.48
C MET F 53 -4.84 -4.52 -13.55
N ARG F 54 -3.59 -4.20 -13.89
CA ARG F 54 -3.35 -3.22 -14.93
C ARG F 54 -3.81 -3.74 -16.29
N GLU F 55 -3.48 -4.99 -16.59
CA GLU F 55 -3.96 -5.62 -17.82
C GLU F 55 -5.48 -5.51 -17.87
N LEU F 56 -6.13 -5.75 -16.74
CA LEU F 56 -7.58 -5.74 -16.67
C LEU F 56 -8.14 -4.37 -17.04
N LEU F 57 -7.60 -3.33 -16.43
CA LEU F 57 -8.08 -1.98 -16.69
C LEU F 57 -7.98 -1.65 -18.18
N LEU F 58 -6.96 -2.21 -18.83
CA LEU F 58 -6.76 -1.96 -20.25
C LEU F 58 -7.49 -2.99 -21.12
N SER F 59 -7.86 -4.11 -20.51
CA SER F 59 -8.49 -5.21 -21.23
C SER F 59 -9.72 -4.77 -21.99
N ASP F 60 -10.04 -5.48 -23.07
CA ASP F 60 -11.25 -5.24 -23.83
C ASP F 60 -12.47 -5.59 -22.99
N GLU F 61 -12.42 -6.75 -22.33
CA GLU F 61 -13.52 -7.22 -21.51
C GLU F 61 -14.01 -6.12 -20.58
N TYR F 62 -13.09 -5.36 -20.01
CA TYR F 62 -13.42 -4.33 -19.03
C TYR F 62 -14.11 -3.13 -19.69
N ALA F 63 -13.69 -2.80 -20.90
CA ALA F 63 -14.35 -1.71 -21.62
C ALA F 63 -15.77 -2.12 -22.00
N GLU F 64 -15.96 -3.40 -22.31
CA GLU F 64 -17.27 -3.91 -22.73
C GLU F 64 -18.32 -3.81 -21.63
N GLN F 65 -17.87 -3.87 -20.38
CA GLN F 65 -18.79 -3.71 -19.25
C GLN F 65 -19.47 -2.35 -19.32
N LYS F 66 -20.80 -2.37 -19.38
CA LYS F 66 -21.60 -1.19 -19.64
C LYS F 66 -21.67 -0.20 -18.47
N ARG F 67 -21.99 -0.72 -17.28
CA ARG F 67 -22.26 0.14 -16.15
C ARG F 67 -21.40 -0.18 -14.92
N ALA F 68 -21.34 0.77 -13.99
CA ALA F 68 -20.51 0.63 -12.78
C ALA F 68 -20.64 -0.74 -12.14
N VAL F 69 -21.84 -1.11 -11.71
CA VAL F 69 -22.07 -2.40 -11.09
C VAL F 69 -21.33 -3.53 -11.84
N ASN F 70 -21.26 -3.41 -13.16
CA ASN F 70 -20.60 -4.44 -13.96
C ASN F 70 -19.07 -4.42 -13.82
N ARG F 71 -18.47 -3.23 -13.85
CA ARG F 71 -17.04 -3.11 -13.58
C ARG F 71 -16.77 -3.56 -12.15
N PHE F 72 -17.57 -3.06 -11.22
CA PHE F 72 -17.48 -3.45 -9.82
C PHE F 72 -17.35 -4.97 -9.69
N MET F 73 -18.28 -5.70 -10.28
CA MET F 73 -18.27 -7.16 -10.15
C MET F 73 -17.02 -7.76 -10.76
N LEU F 74 -16.71 -7.36 -11.98
CA LEU F 74 -15.57 -7.92 -12.70
C LEU F 74 -14.29 -7.68 -11.92
N LEU F 75 -14.24 -6.55 -11.22
CA LEU F 75 -13.11 -6.20 -10.35
C LEU F 75 -12.98 -7.19 -9.19
N LEU F 76 -14.11 -7.55 -8.59
CA LEU F 76 -14.11 -8.49 -7.47
C LEU F 76 -13.71 -9.89 -7.95
N SER F 77 -14.33 -10.37 -9.02
CA SER F 77 -13.95 -11.67 -9.56
C SER F 77 -12.43 -11.73 -9.74
N THR F 78 -11.87 -10.69 -10.35
CA THR F 78 -10.44 -10.70 -10.62
C THR F 78 -9.63 -10.66 -9.34
N LEU F 79 -10.00 -9.78 -8.42
CA LEU F 79 -9.27 -9.66 -7.17
C LEU F 79 -9.22 -11.01 -6.47
N TYR F 80 -10.37 -11.68 -6.40
CA TYR F 80 -10.45 -12.96 -5.71
C TYR F 80 -9.55 -13.99 -6.36
N SER F 81 -9.49 -13.96 -7.69
CA SER F 81 -8.71 -14.96 -8.42
C SER F 81 -7.23 -14.77 -8.16
N LEU F 82 -6.83 -13.57 -7.75
CA LEU F 82 -5.43 -13.27 -7.50
C LEU F 82 -4.94 -13.79 -6.16
N ASP F 83 -5.77 -13.71 -5.14
CA ASP F 83 -5.41 -14.23 -3.82
C ASP F 83 -6.66 -14.47 -2.99
N ALA F 84 -7.15 -15.70 -3.02
CA ALA F 84 -8.38 -16.03 -2.31
C ALA F 84 -8.28 -15.71 -0.82
N GLN F 85 -7.19 -16.14 -0.20
CA GLN F 85 -7.00 -15.89 1.23
C GLN F 85 -7.12 -14.40 1.54
N ALA F 86 -6.32 -13.59 0.86
CA ALA F 86 -6.27 -12.16 1.11
C ALA F 86 -7.66 -11.53 0.91
N PHE F 87 -8.28 -11.86 -0.21
CA PHE F 87 -9.62 -11.36 -0.50
C PHE F 87 -10.52 -11.67 0.66
N ALA F 88 -10.52 -12.94 1.08
CA ALA F 88 -11.35 -13.36 2.20
C ALA F 88 -11.14 -12.43 3.39
N GLU F 89 -9.88 -12.25 3.81
CA GLU F 89 -9.60 -11.42 4.97
C GLU F 89 -10.04 -9.97 4.74
N ALA F 90 -9.75 -9.47 3.55
CA ALA F 90 -10.08 -8.09 3.21
C ALA F 90 -11.58 -7.90 3.27
N THR F 91 -12.32 -8.99 3.20
CA THR F 91 -13.74 -8.92 3.00
C THR F 91 -14.54 -9.20 4.26
N GLU F 92 -14.01 -10.07 5.11
CA GLU F 92 -14.75 -10.52 6.29
C GLU F 92 -15.01 -9.40 7.29
N SER F 93 -14.15 -8.40 7.30
CA SER F 93 -14.26 -7.29 8.24
C SER F 93 -14.92 -6.07 7.58
N LEU F 94 -15.55 -6.28 6.43
CA LEU F 94 -16.08 -5.18 5.63
C LEU F 94 -17.60 -5.13 5.69
N HIS F 95 -18.13 -4.07 6.29
CA HIS F 95 -19.57 -3.93 6.46
C HIS F 95 -19.95 -2.50 6.80
N GLY F 96 -21.25 -2.27 6.95
CA GLY F 96 -21.76 -0.95 7.21
C GLY F 96 -22.40 -0.83 8.59
N ARG F 97 -23.26 0.17 8.74
CA ARG F 97 -23.93 0.41 10.01
CA ARG F 97 -23.93 0.41 10.01
C ARG F 97 -24.86 -0.74 10.37
N THR F 98 -25.68 -1.17 9.41
CA THR F 98 -26.63 -2.26 9.64
C THR F 98 -26.48 -3.37 8.59
N ARG F 99 -26.04 -3.00 7.40
CA ARG F 99 -25.93 -3.93 6.29
C ARG F 99 -24.63 -4.72 6.34
N VAL F 100 -24.70 -6.01 6.06
CA VAL F 100 -23.49 -6.78 5.81
C VAL F 100 -23.17 -6.69 4.32
N TYR F 101 -21.90 -6.55 3.98
CA TYR F 101 -21.51 -6.26 2.61
C TYR F 101 -21.24 -7.51 1.77
N PHE F 102 -20.52 -8.47 2.35
CA PHE F 102 -20.18 -9.70 1.66
C PHE F 102 -20.60 -10.89 2.51
N ALA F 103 -20.94 -11.99 1.86
CA ALA F 103 -21.30 -13.21 2.57
C ALA F 103 -21.05 -14.42 1.69
N ALA F 104 -21.06 -15.61 2.28
CA ALA F 104 -20.87 -16.83 1.51
C ALA F 104 -22.22 -17.39 1.03
N ASP F 105 -23.28 -16.64 1.25
CA ASP F 105 -24.60 -17.02 0.75
C ASP F 105 -25.47 -15.79 0.58
N GLU F 106 -26.55 -15.91 -0.20
CA GLU F 106 -27.42 -14.78 -0.44
C GLU F 106 -28.24 -14.39 0.78
N GLN F 107 -28.76 -15.39 1.49
CA GLN F 107 -29.65 -15.15 2.63
C GLN F 107 -29.06 -14.18 3.66
N THR F 108 -27.83 -14.42 4.06
CA THR F 108 -27.15 -13.57 5.05
C THR F 108 -27.25 -12.10 4.68
N LEU F 109 -27.06 -11.78 3.40
CA LEU F 109 -27.13 -10.40 2.94
C LEU F 109 -28.57 -9.89 2.93
N LEU F 110 -29.50 -10.73 2.51
CA LEU F 110 -30.90 -10.34 2.54
C LEU F 110 -31.41 -10.23 3.97
N LYS F 111 -30.82 -11.00 4.87
CA LYS F 111 -31.31 -11.06 6.25
C LYS F 111 -30.96 -9.80 7.02
N ASN F 112 -29.69 -9.42 6.96
CA ASN F 112 -29.20 -8.23 7.66
C ASN F 112 -29.60 -6.93 6.98
N GLY F 113 -29.15 -6.75 5.74
CA GLY F 113 -29.67 -5.66 4.95
C GLY F 113 -30.96 -6.11 4.29
N ASN F 114 -31.63 -5.22 3.59
CA ASN F 114 -32.78 -5.62 2.79
C ASN F 114 -32.92 -4.62 1.64
N GLN F 115 -33.36 -5.11 0.49
CA GLN F 115 -33.34 -4.28 -0.71
C GLN F 115 -31.90 -4.01 -1.09
N THR F 116 -31.00 -4.83 -0.56
CA THR F 116 -29.57 -4.72 -0.80
C THR F 116 -29.18 -5.26 -2.17
N LYS F 117 -30.12 -5.93 -2.82
CA LYS F 117 -29.89 -6.49 -4.15
C LYS F 117 -28.55 -7.23 -4.24
N PRO F 118 -28.43 -8.35 -3.51
CA PRO F 118 -27.24 -9.21 -3.55
C PRO F 118 -27.04 -9.84 -4.92
N LYS F 119 -25.79 -9.86 -5.40
CA LYS F 119 -25.43 -10.58 -6.61
C LYS F 119 -24.26 -11.51 -6.30
N HIS F 120 -24.28 -12.71 -6.86
CA HIS F 120 -23.17 -13.63 -6.65
C HIS F 120 -21.97 -13.22 -7.50
N VAL F 121 -20.77 -13.23 -6.90
CA VAL F 121 -19.58 -12.84 -7.64
C VAL F 121 -19.02 -14.04 -8.41
N PRO F 122 -19.02 -13.96 -9.75
CA PRO F 122 -18.57 -15.06 -10.60
C PRO F 122 -17.15 -15.54 -10.30
N GLY F 123 -16.94 -16.85 -10.39
CA GLY F 123 -15.63 -17.43 -10.14
C GLY F 123 -15.23 -17.21 -8.70
N THR F 124 -16.18 -17.37 -7.80
CA THR F 124 -16.05 -16.92 -6.42
C THR F 124 -17.13 -17.56 -5.57
N PRO F 125 -16.79 -17.92 -4.32
CA PRO F 125 -17.80 -18.43 -3.38
C PRO F 125 -18.59 -17.32 -2.72
N TYR F 126 -18.40 -16.07 -3.14
CA TYR F 126 -18.96 -14.92 -2.44
C TYR F 126 -20.16 -14.25 -3.12
N TRP F 127 -21.02 -13.66 -2.29
CA TRP F 127 -22.10 -12.78 -2.73
C TRP F 127 -21.82 -11.37 -2.20
N VAL F 128 -22.20 -10.34 -2.96
CA VAL F 128 -22.01 -8.97 -2.50
C VAL F 128 -23.25 -8.11 -2.77
N ILE F 129 -23.46 -7.08 -1.96
CA ILE F 129 -24.63 -6.21 -2.13
C ILE F 129 -24.42 -5.22 -3.27
N THR F 130 -25.51 -4.84 -3.92
CA THR F 130 -25.43 -4.03 -5.14
C THR F 130 -26.10 -2.67 -4.99
N ASN F 131 -27.13 -2.62 -4.13
CA ASN F 131 -27.85 -1.39 -3.90
C ASN F 131 -27.01 -0.34 -3.16
N THR F 132 -26.15 0.33 -3.92
CA THR F 132 -25.21 1.31 -3.38
C THR F 132 -24.82 2.29 -4.47
N ASN F 133 -24.46 3.52 -4.10
CA ASN F 133 -23.97 4.48 -5.08
C ASN F 133 -22.55 4.17 -5.54
N THR F 134 -22.14 4.79 -6.64
CA THR F 134 -20.84 4.49 -7.22
C THR F 134 -19.74 4.80 -6.20
N GLY F 135 -19.95 5.87 -5.43
CA GLY F 135 -19.00 6.27 -4.41
C GLY F 135 -18.70 5.15 -3.44
N ARG F 136 -19.75 4.61 -2.83
CA ARG F 136 -19.60 3.50 -1.89
C ARG F 136 -18.96 2.28 -2.54
N LYS F 137 -19.22 2.07 -3.84
CA LYS F 137 -18.59 0.95 -4.54
C LYS F 137 -17.07 1.12 -4.57
N CYS F 138 -16.62 2.36 -4.73
CA CYS F 138 -15.20 2.66 -4.73
C CYS F 138 -14.59 2.44 -3.35
N SER F 139 -15.33 2.85 -2.32
CA SER F 139 -14.90 2.66 -0.94
C SER F 139 -14.64 1.18 -0.67
N MET F 140 -15.54 0.32 -1.14
CA MET F 140 -15.37 -1.12 -0.95
C MET F 140 -14.14 -1.62 -1.69
N ILE F 141 -13.97 -1.17 -2.93
CA ILE F 141 -12.86 -1.65 -3.73
C ILE F 141 -11.55 -1.16 -3.13
N GLU F 142 -11.53 0.13 -2.78
CA GLU F 142 -10.36 0.72 -2.16
C GLU F 142 -9.99 -0.03 -0.90
N HIS F 143 -10.98 -0.24 -0.02
CA HIS F 143 -10.73 -0.91 1.23
C HIS F 143 -10.17 -2.31 1.02
N ILE F 144 -10.74 -3.01 0.04
CA ILE F 144 -10.29 -4.37 -0.28
C ILE F 144 -8.86 -4.37 -0.79
N MET F 145 -8.59 -3.54 -1.79
CA MET F 145 -7.27 -3.50 -2.39
C MET F 145 -6.22 -3.04 -1.40
N GLN F 146 -6.58 -2.09 -0.53
CA GLN F 146 -5.66 -1.67 0.51
C GLN F 146 -5.31 -2.84 1.42
N SER F 147 -6.32 -3.63 1.78
CA SER F 147 -6.11 -4.79 2.62
C SER F 147 -5.25 -5.83 1.89
N MET F 148 -5.47 -5.96 0.60
CA MET F 148 -4.74 -6.94 -0.20
C MET F 148 -3.36 -6.43 -0.59
N GLN F 149 -3.01 -5.26 -0.05
CA GLN F 149 -1.67 -4.70 -0.20
C GLN F 149 -1.30 -4.29 -1.63
N PHE F 150 -2.22 -3.63 -2.31
CA PHE F 150 -1.96 -3.08 -3.63
C PHE F 150 -1.41 -1.66 -3.52
N PRO F 151 -0.59 -1.24 -4.49
CA PRO F 151 -0.04 0.11 -4.55
C PRO F 151 -1.14 1.17 -4.56
N ALA F 152 -0.98 2.21 -3.74
CA ALA F 152 -1.99 3.25 -3.63
C ALA F 152 -2.34 3.86 -4.99
N GLU F 153 -1.34 4.03 -5.86
CA GLU F 153 -1.57 4.64 -7.16
C GLU F 153 -2.43 3.76 -8.07
N LEU F 154 -2.28 2.45 -7.94
CA LEU F 154 -3.10 1.51 -8.70
C LEU F 154 -4.54 1.58 -8.22
N ILE F 155 -4.73 1.53 -6.90
CA ILE F 155 -6.07 1.62 -6.33
C ILE F 155 -6.76 2.89 -6.81
N GLU F 156 -5.99 3.96 -6.88
CA GLU F 156 -6.51 5.24 -7.32
C GLU F 156 -6.99 5.17 -8.78
N LYS F 157 -6.14 4.66 -9.65
CA LYS F 157 -6.46 4.52 -11.07
C LYS F 157 -7.66 3.62 -11.31
N VAL F 158 -7.79 2.58 -10.48
CA VAL F 158 -8.90 1.63 -10.62
C VAL F 158 -10.24 2.27 -10.22
N CYS F 159 -10.28 2.94 -9.08
CA CYS F 159 -11.52 3.56 -8.63
C CYS F 159 -11.99 4.64 -9.60
N GLY F 160 -11.05 5.24 -10.34
CA GLY F 160 -11.39 6.25 -11.32
C GLY F 160 -12.14 5.69 -12.51
N THR F 161 -12.18 4.37 -12.64
CA THR F 161 -12.80 3.73 -13.80
C THR F 161 -14.16 3.15 -13.46
N ILE F 162 -14.45 3.02 -12.16
CA ILE F 162 -15.72 2.46 -11.74
C ILE F 162 -16.88 3.35 -12.15
#